data_1Z9D
#
_entry.id   1Z9D
#
_cell.length_a   161.288
_cell.length_b   57.309
_cell.length_c   94.200
_cell.angle_alpha   90.00
_cell.angle_beta   90.00
_cell.angle_gamma   90.00
#
_symmetry.space_group_name_H-M   'P 21 21 2'
#
loop_
_entity.id
_entity.type
_entity.pdbx_description
1 polymer 'uridylate kinase'
2 non-polymer 'SULFATE ION'
3 water water
#
_entity_poly.entity_id   1
_entity_poly.type   'polypeptide(L)'
_entity_poly.pdbx_seq_one_letter_code
;(MSE)SLEPKYQRILIKLSGEALAGEKGVGIDIPTVQAIAKEIAEVHVSGVQIALVIGGGNLWRGEPAADAG(MSE)DRV
QADYTG(MSE)LGTV(MSE)NALV(MSE)ADSLQHYGVDTRVQTAIP(MSE)QNVAEPYIRGRALRHLEKNRIVVFGAGI
GSPYFSTDTTAALRAAEIEADAIL(MSE)AKNGVDGVYNADPKKDANAVKFDELTHGEVIKRGLKI(MSE)DATASTLS
(MSE)DNDIDLVVFN(MSE)NEAGNIQRVVFGEHIGTTVSNKVCDEGHHHHHH
;
_entity_poly.pdbx_strand_id   A,B,C
#
loop_
_chem_comp.id
_chem_comp.type
_chem_comp.name
_chem_comp.formula
SO4 non-polymer 'SULFATE ION' 'O4 S -2'
#
# COMPACT_ATOMS: atom_id res chain seq x y z
N GLU A 4 -28.12 -10.90 -17.20
CA GLU A 4 -28.25 -11.80 -16.01
C GLU A 4 -27.29 -12.99 -16.05
N PRO A 5 -26.04 -12.77 -15.61
CA PRO A 5 -24.99 -13.80 -15.57
C PRO A 5 -25.26 -14.81 -14.46
N LYS A 6 -24.98 -16.08 -14.78
CA LYS A 6 -25.17 -17.18 -13.83
C LYS A 6 -24.22 -17.03 -12.67
N TYR A 7 -23.08 -16.41 -12.92
CA TYR A 7 -22.06 -16.20 -11.90
C TYR A 7 -21.76 -14.70 -11.67
N GLN A 8 -21.54 -14.32 -10.43
CA GLN A 8 -21.24 -12.92 -10.10
C GLN A 8 -19.75 -12.67 -10.01
N ARG A 9 -18.99 -13.71 -9.74
CA ARG A 9 -17.55 -13.56 -9.62
C ARG A 9 -16.89 -14.84 -10.04
N ILE A 10 -16.09 -14.77 -11.10
CA ILE A 10 -15.42 -15.95 -11.60
C ILE A 10 -13.92 -15.74 -11.65
N LEU A 11 -13.19 -16.86 -11.73
CA LEU A 11 -11.75 -16.80 -11.81
C LEU A 11 -11.40 -17.61 -13.04
N ILE A 12 -10.90 -16.92 -14.06
CA ILE A 12 -10.53 -17.57 -15.31
C ILE A 12 -9.11 -18.09 -15.23
N LYS A 13 -8.95 -19.38 -15.52
CA LYS A 13 -7.63 -19.99 -15.51
C LYS A 13 -7.16 -20.19 -16.95
N LEU A 14 -6.02 -19.59 -17.29
CA LEU A 14 -5.45 -19.72 -18.62
C LEU A 14 -4.11 -20.43 -18.56
N SER A 15 -3.79 -21.20 -19.59
CA SER A 15 -2.50 -21.88 -19.64
C SER A 15 -1.53 -20.94 -20.31
N GLY A 16 -0.25 -21.02 -19.96
CA GLY A 16 0.73 -20.16 -20.59
C GLY A 16 0.71 -20.29 -22.11
N GLU A 17 0.57 -21.52 -22.59
CA GLU A 17 0.55 -21.80 -24.02
C GLU A 17 -0.46 -20.92 -24.73
N ALA A 18 -1.62 -20.73 -24.12
CA ALA A 18 -2.67 -19.90 -24.70
C ALA A 18 -2.21 -18.48 -25.07
N LEU A 19 -1.03 -18.09 -24.60
CA LEU A 19 -0.50 -16.77 -24.88
C LEU A 19 0.71 -16.82 -25.80
N ALA A 20 1.17 -18.03 -26.08
CA ALA A 20 2.33 -18.22 -26.95
C ALA A 20 1.98 -18.07 -28.43
N GLY A 21 0.78 -18.48 -28.80
CA GLY A 21 0.38 -18.38 -30.19
C GLY A 21 0.92 -19.51 -31.06
N GLU A 22 1.15 -19.20 -32.32
CA GLU A 22 1.65 -20.16 -33.33
C GLU A 22 2.72 -21.09 -32.77
N LYS A 23 3.92 -20.52 -32.57
CA LYS A 23 5.09 -21.23 -32.05
C LYS A 23 4.71 -22.25 -30.98
N GLY A 24 4.32 -21.75 -29.81
CA GLY A 24 3.95 -22.62 -28.71
C GLY A 24 4.78 -22.20 -27.50
N VAL A 25 5.76 -21.34 -27.77
CA VAL A 25 6.65 -20.82 -26.77
C VAL A 25 6.72 -19.30 -26.84
N GLY A 26 7.16 -18.67 -25.75
CA GLY A 26 7.26 -17.23 -25.71
C GLY A 26 5.89 -16.58 -25.55
N ILE A 27 5.86 -15.26 -25.65
CA ILE A 27 4.61 -14.52 -25.51
C ILE A 27 4.34 -13.75 -26.78
N ASP A 28 3.20 -14.00 -27.42
CA ASP A 28 2.86 -13.27 -28.63
C ASP A 28 1.81 -12.22 -28.25
N ILE A 29 2.26 -10.98 -28.06
CA ILE A 29 1.35 -9.92 -27.64
C ILE A 29 0.01 -9.82 -28.39
N PRO A 30 0.06 -9.84 -29.74
CA PRO A 30 -1.20 -9.76 -30.49
C PRO A 30 -2.18 -10.86 -30.06
N THR A 31 -1.65 -12.02 -29.65
CA THR A 31 -2.51 -13.11 -29.21
C THR A 31 -3.10 -12.78 -27.86
N VAL A 32 -2.28 -12.20 -27.00
CA VAL A 32 -2.73 -11.83 -25.67
C VAL A 32 -3.86 -10.81 -25.76
N GLN A 33 -3.68 -9.81 -26.63
CA GLN A 33 -4.69 -8.78 -26.81
C GLN A 33 -6.01 -9.38 -27.29
N ALA A 34 -5.91 -10.40 -28.13
CA ALA A 34 -7.10 -11.07 -28.64
C ALA A 34 -7.91 -11.65 -27.46
N ILE A 35 -7.22 -12.24 -26.49
CA ILE A 35 -7.88 -12.81 -25.33
C ILE A 35 -8.35 -11.73 -24.37
N ALA A 36 -7.54 -10.67 -24.25
CA ALA A 36 -7.87 -9.56 -23.37
C ALA A 36 -9.11 -8.83 -23.88
N LYS A 37 -9.22 -8.73 -25.20
CA LYS A 37 -10.36 -8.05 -25.81
C LYS A 37 -11.65 -8.81 -25.50
N GLU A 38 -11.56 -10.12 -25.45
CA GLU A 38 -12.72 -10.94 -25.16
C GLU A 38 -13.12 -10.82 -23.69
N ILE A 39 -12.14 -10.86 -22.80
CA ILE A 39 -12.40 -10.74 -21.36
C ILE A 39 -12.94 -9.35 -21.09
N ALA A 40 -12.39 -8.37 -21.78
CA ALA A 40 -12.85 -6.99 -21.59
C ALA A 40 -14.33 -6.91 -21.91
N GLU A 41 -14.74 -7.59 -22.97
CA GLU A 41 -16.13 -7.57 -23.36
C GLU A 41 -17.04 -8.20 -22.31
N VAL A 42 -16.60 -9.31 -21.72
CA VAL A 42 -17.39 -9.98 -20.68
C VAL A 42 -17.44 -9.11 -19.43
N HIS A 43 -16.34 -8.43 -19.16
CA HIS A 43 -16.25 -7.55 -18.01
C HIS A 43 -17.32 -6.45 -18.05
N VAL A 44 -17.82 -6.15 -19.25
CA VAL A 44 -18.84 -5.11 -19.42
C VAL A 44 -20.17 -5.54 -18.82
N SER A 45 -20.37 -6.86 -18.70
CA SER A 45 -21.60 -7.40 -18.15
C SER A 45 -21.74 -7.08 -16.65
N GLY A 46 -20.64 -6.74 -16.01
CA GLY A 46 -20.68 -6.41 -14.60
C GLY A 46 -20.16 -7.53 -13.72
N VAL A 47 -19.71 -8.61 -14.35
CA VAL A 47 -19.17 -9.76 -13.63
C VAL A 47 -17.75 -9.49 -13.12
N GLN A 48 -17.53 -9.76 -11.84
CA GLN A 48 -16.20 -9.57 -11.26
C GLN A 48 -15.31 -10.68 -11.80
N ILE A 49 -14.10 -10.32 -12.21
CA ILE A 49 -13.18 -11.28 -12.80
C ILE A 49 -11.78 -11.31 -12.21
N ALA A 50 -11.19 -12.50 -12.13
CA ALA A 50 -9.83 -12.66 -11.65
C ALA A 50 -9.18 -13.69 -12.58
N LEU A 51 -7.90 -13.50 -12.89
CA LEU A 51 -7.21 -14.42 -13.77
C LEU A 51 -6.03 -15.11 -13.09
N VAL A 52 -5.73 -16.30 -13.58
CA VAL A 52 -4.61 -17.09 -13.10
C VAL A 52 -4.01 -17.69 -14.35
N ILE A 53 -2.81 -17.26 -14.72
CA ILE A 53 -2.18 -17.79 -15.93
C ILE A 53 -1.01 -18.72 -15.61
N GLY A 54 -0.78 -19.71 -16.49
CA GLY A 54 0.31 -20.65 -16.29
C GLY A 54 1.56 -20.14 -16.96
N GLY A 55 2.67 -20.86 -16.84
CA GLY A 55 3.91 -20.41 -17.45
C GLY A 55 4.54 -21.41 -18.39
N GLY A 56 3.74 -22.29 -18.96
CA GLY A 56 4.27 -23.30 -19.86
C GLY A 56 4.90 -22.72 -21.10
N ASN A 57 4.39 -21.57 -21.53
CA ASN A 57 4.90 -20.93 -22.72
C ASN A 57 6.29 -20.35 -22.52
N LEU A 58 6.71 -20.23 -21.27
CA LEU A 58 8.03 -19.66 -20.99
C LEU A 58 8.95 -20.65 -20.30
N TRP A 59 8.36 -21.62 -19.62
CA TRP A 59 9.16 -22.59 -18.90
C TRP A 59 8.39 -23.87 -18.57
N ARG A 60 9.03 -25.01 -18.81
CA ARG A 60 8.42 -26.30 -18.48
C ARG A 60 9.36 -27.03 -17.55
N GLY A 61 8.79 -27.60 -16.50
CA GLY A 61 9.59 -28.31 -15.50
C GLY A 61 10.14 -29.64 -15.97
N GLU A 62 9.39 -30.30 -16.83
CA GLU A 62 9.77 -31.60 -17.38
C GLU A 62 11.25 -31.63 -17.81
N PRO A 63 11.61 -30.82 -18.83
CA PRO A 63 13.02 -30.85 -19.26
C PRO A 63 13.98 -30.40 -18.15
N ALA A 64 13.50 -29.60 -17.21
CA ALA A 64 14.34 -29.13 -16.11
C ALA A 64 14.75 -30.29 -15.25
N ALA A 65 13.78 -31.14 -14.93
CA ALA A 65 14.02 -32.32 -14.11
C ALA A 65 14.92 -33.28 -14.88
N ASP A 66 14.67 -33.42 -16.17
CA ASP A 66 15.49 -34.30 -17.02
C ASP A 66 16.92 -33.80 -17.04
N ALA A 67 17.08 -32.48 -17.07
CA ALA A 67 18.40 -31.86 -17.09
C ALA A 67 19.07 -31.94 -15.71
N GLY A 68 18.28 -32.27 -14.69
CA GLY A 68 18.82 -32.41 -13.36
C GLY A 68 18.86 -31.13 -12.55
N MSE A 69 18.01 -30.18 -12.90
CA MSE A 69 18.00 -28.95 -12.15
C MSE A 69 17.17 -29.13 -10.88
O MSE A 69 16.18 -29.86 -10.87
CB MSE A 69 17.41 -27.81 -12.98
CG MSE A 69 17.44 -26.50 -12.25
SE MSE A 69 16.54 -25.13 -13.21
CE MSE A 69 16.30 -23.84 -11.79
N ASP A 70 17.61 -28.47 -9.82
CA ASP A 70 16.93 -28.53 -8.53
C ASP A 70 15.44 -28.23 -8.67
N ARG A 71 14.59 -29.15 -8.20
CA ARG A 71 13.15 -29.01 -8.29
C ARG A 71 12.60 -27.71 -7.73
N VAL A 72 13.06 -27.33 -6.54
CA VAL A 72 12.58 -26.11 -5.91
C VAL A 72 12.94 -24.90 -6.76
N GLN A 73 14.22 -24.78 -7.12
CA GLN A 73 14.64 -23.66 -7.94
C GLN A 73 13.89 -23.64 -9.26
N ALA A 74 13.69 -24.82 -9.83
CA ALA A 74 12.99 -24.93 -11.09
C ALA A 74 11.57 -24.40 -10.97
N ASP A 75 10.90 -24.72 -9.87
CA ASP A 75 9.52 -24.26 -9.68
C ASP A 75 9.44 -22.75 -9.54
N TYR A 76 10.40 -22.15 -8.84
CA TYR A 76 10.42 -20.71 -8.67
C TYR A 76 10.61 -20.05 -10.04
N THR A 77 11.49 -20.63 -10.85
CA THR A 77 11.75 -20.11 -12.17
C THR A 77 10.46 -20.00 -12.94
N GLY A 78 9.64 -21.04 -12.84
CA GLY A 78 8.36 -21.05 -13.53
C GLY A 78 7.42 -19.99 -13.02
N MSE A 79 7.39 -19.78 -11.70
CA MSE A 79 6.51 -18.78 -11.13
C MSE A 79 6.81 -17.41 -11.65
O MSE A 79 5.91 -16.59 -11.83
CB MSE A 79 6.61 -18.79 -9.60
CG MSE A 79 5.86 -19.94 -8.98
SE MSE A 79 6.09 -20.03 -7.08
CE MSE A 79 6.96 -21.78 -7.01
N LEU A 80 8.09 -17.13 -11.86
CA LEU A 80 8.49 -15.83 -12.39
C LEU A 80 7.87 -15.68 -13.76
N GLY A 81 7.94 -16.74 -14.56
CA GLY A 81 7.38 -16.71 -15.89
C GLY A 81 5.91 -16.37 -15.85
N THR A 82 5.28 -16.75 -14.75
CA THR A 82 3.87 -16.50 -14.54
C THR A 82 3.57 -15.02 -14.41
N VAL A 83 4.47 -14.29 -13.76
CA VAL A 83 4.32 -12.85 -13.56
C VAL A 83 4.53 -12.13 -14.87
N MSE A 84 5.36 -12.68 -15.75
CA MSE A 84 5.59 -12.05 -17.02
C MSE A 84 4.34 -12.10 -17.86
O MSE A 84 4.00 -11.15 -18.55
CB MSE A 84 6.72 -12.72 -17.78
CG MSE A 84 8.07 -12.47 -17.18
SE MSE A 84 9.42 -13.57 -18.01
CE MSE A 84 9.41 -12.79 -19.79
N ASN A 85 3.64 -13.24 -17.81
CA ASN A 85 2.41 -13.37 -18.56
C ASN A 85 1.37 -12.43 -17.97
N ALA A 86 1.38 -12.30 -16.65
CA ALA A 86 0.44 -11.44 -15.96
C ALA A 86 0.61 -9.98 -16.37
N LEU A 87 1.84 -9.50 -16.38
CA LEU A 87 2.12 -8.12 -16.76
C LEU A 87 1.64 -7.84 -18.18
N VAL A 88 1.90 -8.76 -19.09
CA VAL A 88 1.47 -8.55 -20.47
C VAL A 88 -0.05 -8.64 -20.59
N MSE A 89 -0.66 -9.54 -19.82
CA MSE A 89 -2.11 -9.69 -19.88
C MSE A 89 -2.79 -8.48 -19.25
O MSE A 89 -3.85 -8.04 -19.70
CB MSE A 89 -2.53 -10.96 -19.13
CG MSE A 89 -4.04 -11.16 -19.00
SE MSE A 89 -5.03 -11.25 -20.71
CE MSE A 89 -4.77 -13.12 -21.17
N ALA A 90 -2.17 -7.92 -18.22
CA ALA A 90 -2.72 -6.76 -17.54
C ALA A 90 -2.67 -5.55 -18.47
N ASP A 91 -1.57 -5.39 -19.19
CA ASP A 91 -1.41 -4.27 -20.10
C ASP A 91 -2.41 -4.37 -21.24
N SER A 92 -2.56 -5.56 -21.79
CA SER A 92 -3.48 -5.76 -22.89
C SER A 92 -4.89 -5.42 -22.46
N LEU A 93 -5.22 -5.76 -21.23
CA LEU A 93 -6.55 -5.48 -20.73
C LEU A 93 -6.78 -3.98 -20.61
N GLN A 94 -5.74 -3.26 -20.24
CA GLN A 94 -5.87 -1.82 -20.10
C GLN A 94 -6.12 -1.20 -21.47
N HIS A 95 -5.61 -1.87 -22.49
CA HIS A 95 -5.77 -1.42 -23.87
C HIS A 95 -7.25 -1.26 -24.24
N TYR A 96 -8.12 -2.00 -23.55
CA TYR A 96 -9.55 -1.92 -23.82
C TYR A 96 -10.27 -1.24 -22.67
N GLY A 97 -9.57 -0.31 -22.02
CA GLY A 97 -10.15 0.45 -20.92
C GLY A 97 -10.56 -0.32 -19.69
N VAL A 98 -9.80 -1.34 -19.32
CA VAL A 98 -10.15 -2.10 -18.12
C VAL A 98 -9.11 -1.78 -17.05
N ASP A 99 -9.59 -1.39 -15.87
CA ASP A 99 -8.70 -1.05 -14.77
C ASP A 99 -8.27 -2.37 -14.14
N THR A 100 -7.01 -2.73 -14.34
CA THR A 100 -6.50 -4.00 -13.82
C THR A 100 -5.46 -3.85 -12.73
N ARG A 101 -5.24 -4.91 -11.95
CA ARG A 101 -4.24 -4.91 -10.89
C ARG A 101 -3.59 -6.28 -10.85
N VAL A 102 -2.27 -6.31 -10.84
CA VAL A 102 -1.58 -7.58 -10.76
C VAL A 102 -1.15 -7.80 -9.31
N GLN A 103 -1.40 -8.99 -8.79
CA GLN A 103 -0.98 -9.31 -7.41
C GLN A 103 -0.14 -10.57 -7.47
N THR A 104 1.09 -10.49 -7.01
CA THR A 104 1.98 -11.64 -7.04
C THR A 104 2.12 -12.32 -5.69
N ALA A 105 2.15 -13.65 -5.69
CA ALA A 105 2.28 -14.42 -4.47
C ALA A 105 3.66 -14.13 -3.87
N ILE A 106 4.61 -13.80 -4.73
CA ILE A 106 5.96 -13.46 -4.30
C ILE A 106 6.02 -11.95 -4.44
N PRO A 107 6.07 -11.23 -3.30
CA PRO A 107 6.12 -9.76 -3.27
C PRO A 107 7.32 -9.19 -4.02
N MSE A 108 7.02 -8.23 -4.89
CA MSE A 108 8.00 -7.56 -5.73
C MSE A 108 7.67 -6.09 -5.72
O MSE A 108 7.43 -5.47 -6.76
CB MSE A 108 7.92 -8.06 -7.16
CG MSE A 108 8.56 -9.38 -7.38
SE MSE A 108 7.99 -10.07 -9.04
CE MSE A 108 7.39 -11.81 -8.43
N GLN A 109 7.65 -5.55 -4.51
CA GLN A 109 7.33 -4.16 -4.26
C GLN A 109 7.18 -3.27 -5.49
N ASN A 110 8.27 -3.10 -6.24
CA ASN A 110 8.28 -2.22 -7.41
C ASN A 110 7.48 -2.69 -8.62
N VAL A 111 7.81 -3.87 -9.12
CA VAL A 111 7.17 -4.43 -10.30
C VAL A 111 5.67 -4.63 -10.21
N ALA A 112 5.19 -5.17 -9.09
CA ALA A 112 3.76 -5.40 -8.97
C ALA A 112 3.32 -5.51 -7.52
N GLU A 113 2.06 -5.16 -7.30
CA GLU A 113 1.47 -5.19 -5.98
C GLU A 113 1.49 -6.61 -5.35
N PRO A 114 1.93 -6.74 -4.09
CA PRO A 114 1.95 -8.05 -3.45
C PRO A 114 0.53 -8.53 -3.18
N TYR A 115 0.35 -9.85 -3.06
CA TYR A 115 -0.96 -10.43 -2.83
C TYR A 115 -1.48 -10.31 -1.39
N ILE A 116 -2.62 -9.67 -1.25
CA ILE A 116 -3.26 -9.49 0.05
C ILE A 116 -4.75 -9.68 -0.21
N ARG A 117 -5.31 -10.71 0.39
CA ARG A 117 -6.73 -11.00 0.18
C ARG A 117 -7.60 -9.78 0.38
N GLY A 118 -7.34 -9.04 1.45
CA GLY A 118 -8.10 -7.84 1.73
C GLY A 118 -8.18 -6.92 0.52
N ARG A 119 -7.02 -6.59 -0.04
CA ARG A 119 -6.91 -5.71 -1.20
C ARG A 119 -7.58 -6.33 -2.40
N ALA A 120 -7.22 -7.58 -2.69
CA ALA A 120 -7.80 -8.28 -3.82
C ALA A 120 -9.32 -8.18 -3.77
N LEU A 121 -9.91 -8.48 -2.63
CA LEU A 121 -11.36 -8.41 -2.52
C LEU A 121 -11.88 -7.04 -2.87
N ARG A 122 -11.34 -6.02 -2.21
CA ARG A 122 -11.76 -4.63 -2.45
C ARG A 122 -11.59 -4.20 -3.90
N HIS A 123 -10.53 -4.69 -4.54
CA HIS A 123 -10.27 -4.36 -5.94
C HIS A 123 -11.42 -4.84 -6.81
N LEU A 124 -11.80 -6.10 -6.65
CA LEU A 124 -12.91 -6.68 -7.41
C LEU A 124 -14.20 -5.92 -7.17
N GLU A 125 -14.39 -5.47 -5.92
CA GLU A 125 -15.59 -4.73 -5.55
C GLU A 125 -15.62 -3.39 -6.30
N LYS A 126 -14.45 -2.93 -6.75
CA LYS A 126 -14.35 -1.69 -7.49
C LYS A 126 -14.42 -1.96 -8.99
N ASN A 127 -14.86 -3.15 -9.35
CA ASN A 127 -14.99 -3.55 -10.75
C ASN A 127 -13.67 -3.56 -11.52
N ARG A 128 -12.59 -3.95 -10.85
CA ARG A 128 -11.30 -4.01 -11.51
C ARG A 128 -10.98 -5.49 -11.71
N ILE A 129 -10.16 -5.80 -12.70
CA ILE A 129 -9.79 -7.17 -12.92
C ILE A 129 -8.47 -7.42 -12.20
N VAL A 130 -8.40 -8.50 -11.44
CA VAL A 130 -7.19 -8.84 -10.71
C VAL A 130 -6.47 -10.01 -11.38
N VAL A 131 -5.18 -9.84 -11.63
CA VAL A 131 -4.41 -10.89 -12.26
C VAL A 131 -3.38 -11.40 -11.26
N PHE A 132 -3.51 -12.66 -10.86
CA PHE A 132 -2.58 -13.27 -9.90
C PHE A 132 -1.33 -13.85 -10.57
N GLY A 133 -0.17 -13.66 -9.96
CA GLY A 133 1.05 -14.21 -10.52
C GLY A 133 1.87 -14.99 -9.51
N ALA A 134 2.82 -15.79 -9.97
CA ALA A 134 3.68 -16.59 -9.09
C ALA A 134 2.96 -17.69 -8.30
N GLY A 135 1.82 -18.15 -8.82
CA GLY A 135 1.07 -19.20 -8.16
C GLY A 135 0.76 -18.88 -6.71
N ILE A 136 1.31 -19.65 -5.78
CA ILE A 136 1.06 -19.38 -4.37
C ILE A 136 2.38 -19.10 -3.62
N GLY A 137 3.44 -18.84 -4.37
CA GLY A 137 4.75 -18.53 -3.78
C GLY A 137 5.48 -19.70 -3.14
N SER A 138 4.91 -20.88 -3.31
CA SER A 138 5.49 -22.07 -2.73
C SER A 138 5.64 -23.15 -3.80
N PRO A 139 6.71 -23.93 -3.74
CA PRO A 139 6.99 -25.02 -4.68
C PRO A 139 6.14 -26.27 -4.45
N TYR A 140 6.28 -27.22 -5.36
CA TYR A 140 5.56 -28.48 -5.29
C TYR A 140 4.06 -28.43 -5.53
N PHE A 141 3.49 -27.25 -5.68
CA PHE A 141 2.07 -27.16 -5.97
C PHE A 141 1.84 -26.89 -7.45
N SER A 142 0.64 -27.16 -7.94
CA SER A 142 0.32 -26.97 -9.34
C SER A 142 -0.50 -25.72 -9.60
N THR A 143 -0.72 -25.41 -10.88
CA THR A 143 -1.50 -24.24 -11.29
C THR A 143 -2.96 -24.42 -10.94
N ASP A 144 -3.39 -25.68 -10.82
CA ASP A 144 -4.77 -25.96 -10.44
C ASP A 144 -4.95 -25.54 -9.00
N THR A 145 -3.96 -25.90 -8.17
CA THR A 145 -4.00 -25.56 -6.76
C THR A 145 -4.06 -24.06 -6.62
N THR A 146 -3.35 -23.35 -7.50
CA THR A 146 -3.35 -21.91 -7.46
C THR A 146 -4.72 -21.35 -7.80
N ALA A 147 -5.35 -21.87 -8.84
CA ALA A 147 -6.64 -21.39 -9.23
C ALA A 147 -7.67 -21.71 -8.15
N ALA A 148 -7.61 -22.90 -7.58
CA ALA A 148 -8.55 -23.30 -6.54
C ALA A 148 -8.38 -22.47 -5.28
N LEU A 149 -7.15 -22.38 -4.79
CA LEU A 149 -6.86 -21.61 -3.59
C LEU A 149 -7.30 -20.16 -3.73
N ARG A 150 -6.90 -19.53 -4.83
CA ARG A 150 -7.24 -18.14 -5.08
C ARG A 150 -8.74 -17.94 -5.21
N ALA A 151 -9.41 -18.87 -5.90
CA ALA A 151 -10.84 -18.78 -6.09
C ALA A 151 -11.56 -18.84 -4.76
N ALA A 152 -11.04 -19.66 -3.85
CA ALA A 152 -11.63 -19.80 -2.54
C ALA A 152 -11.43 -18.55 -1.69
N GLU A 153 -10.27 -17.92 -1.82
CA GLU A 153 -9.94 -16.73 -1.05
C GLU A 153 -10.73 -15.51 -1.48
N ILE A 154 -10.88 -15.32 -2.78
CA ILE A 154 -11.65 -14.17 -3.27
C ILE A 154 -13.11 -14.53 -3.33
N GLU A 155 -13.43 -15.74 -2.90
CA GLU A 155 -14.82 -16.20 -2.88
C GLU A 155 -15.49 -16.08 -4.25
N ALA A 156 -14.98 -16.84 -5.22
CA ALA A 156 -15.53 -16.83 -6.58
C ALA A 156 -16.60 -17.90 -6.68
N ASP A 157 -17.60 -17.67 -7.52
CA ASP A 157 -18.67 -18.64 -7.68
C ASP A 157 -18.25 -19.82 -8.56
N ALA A 158 -17.40 -19.57 -9.55
CA ALA A 158 -16.95 -20.62 -10.43
C ALA A 158 -15.55 -20.38 -10.97
N ILE A 159 -14.92 -21.44 -11.47
CA ILE A 159 -13.60 -21.33 -12.05
C ILE A 159 -13.75 -21.73 -13.51
N LEU A 160 -13.65 -20.78 -14.42
CA LEU A 160 -13.78 -21.14 -15.82
C LEU A 160 -12.41 -21.58 -16.31
N MSE A 161 -12.26 -22.86 -16.59
CA MSE A 161 -10.99 -23.34 -17.11
C MSE A 161 -11.00 -23.23 -18.62
O MSE A 161 -11.30 -24.19 -19.32
CB MSE A 161 -10.76 -24.79 -16.72
CG MSE A 161 -10.24 -24.94 -15.33
SE MSE A 161 -10.37 -26.77 -14.79
CE MSE A 161 -12.07 -26.66 -13.88
N ALA A 162 -10.67 -22.03 -19.09
CA ALA A 162 -10.66 -21.75 -20.50
C ALA A 162 -9.57 -22.53 -21.20
N LYS A 163 -9.93 -23.70 -21.71
CA LYS A 163 -8.99 -24.54 -22.43
C LYS A 163 -8.76 -23.98 -23.84
N ASN A 164 -7.54 -24.11 -24.33
CA ASN A 164 -7.23 -23.62 -25.66
C ASN A 164 -7.33 -24.79 -26.64
N GLY A 165 -8.55 -25.29 -26.82
CA GLY A 165 -8.76 -26.40 -27.72
C GLY A 165 -9.88 -27.30 -27.23
N VAL A 166 -9.64 -28.05 -26.15
CA VAL A 166 -10.63 -28.95 -25.58
C VAL A 166 -11.95 -28.23 -25.27
N ASP A 167 -13.09 -28.87 -25.47
CA ASP A 167 -14.36 -28.21 -25.21
C ASP A 167 -15.20 -28.82 -24.09
N GLY A 168 -14.57 -29.65 -23.27
CA GLY A 168 -15.29 -30.28 -22.16
C GLY A 168 -14.63 -31.56 -21.66
N VAL A 169 -15.32 -32.29 -20.79
CA VAL A 169 -14.82 -33.56 -20.23
C VAL A 169 -15.57 -34.78 -20.81
N TYR A 170 -14.85 -35.66 -21.50
CA TYR A 170 -15.45 -36.85 -22.12
C TYR A 170 -15.42 -38.13 -21.27
N ASN A 171 -16.34 -39.05 -21.55
CA ASN A 171 -16.40 -40.30 -20.79
C ASN A 171 -15.23 -41.21 -21.14
N ALA A 172 -14.48 -40.83 -22.17
CA ALA A 172 -13.35 -41.61 -22.64
C ALA A 172 -12.41 -40.62 -23.34
N ASP A 173 -11.15 -41.01 -23.56
CA ASP A 173 -10.20 -40.11 -24.22
C ASP A 173 -10.66 -39.70 -25.63
N PRO A 174 -11.20 -38.48 -25.78
CA PRO A 174 -11.70 -37.98 -27.06
C PRO A 174 -10.71 -38.04 -28.20
N LYS A 175 -9.44 -38.33 -27.88
CA LYS A 175 -8.39 -38.44 -28.90
C LYS A 175 -8.27 -39.85 -29.45
N LYS A 176 -8.82 -40.81 -28.74
CA LYS A 176 -8.76 -42.20 -29.17
C LYS A 176 -10.14 -42.73 -29.52
N ASP A 177 -11.09 -42.51 -28.62
CA ASP A 177 -12.47 -42.97 -28.82
C ASP A 177 -13.21 -42.01 -29.74
N ALA A 178 -13.36 -42.38 -31.01
CA ALA A 178 -14.04 -41.52 -31.97
C ALA A 178 -15.50 -41.31 -31.61
N ASN A 179 -16.00 -42.13 -30.69
CA ASN A 179 -17.39 -42.05 -30.25
C ASN A 179 -17.48 -41.63 -28.79
N ALA A 180 -16.55 -40.78 -28.36
CA ALA A 180 -16.59 -40.34 -26.97
C ALA A 180 -17.51 -39.13 -26.88
N VAL A 181 -18.33 -39.10 -25.81
CA VAL A 181 -19.25 -38.00 -25.59
C VAL A 181 -18.86 -37.20 -24.35
N LYS A 182 -19.08 -35.89 -24.41
CA LYS A 182 -18.74 -35.01 -23.31
C LYS A 182 -19.90 -34.82 -22.35
N PHE A 183 -19.62 -35.01 -21.07
CA PHE A 183 -20.61 -34.84 -20.03
C PHE A 183 -20.98 -33.37 -20.02
N ASP A 184 -22.21 -33.07 -19.67
CA ASP A 184 -22.64 -31.68 -19.61
C ASP A 184 -22.57 -31.18 -18.17
N GLU A 185 -23.02 -32.02 -17.24
CA GLU A 185 -23.03 -31.66 -15.84
C GLU A 185 -22.61 -32.80 -14.94
N LEU A 186 -21.61 -32.57 -14.09
CA LEU A 186 -21.12 -33.58 -13.17
C LEU A 186 -21.01 -33.00 -11.79
N THR A 187 -20.94 -33.86 -10.78
CA THR A 187 -20.79 -33.37 -9.43
C THR A 187 -19.37 -33.69 -8.97
N HIS A 188 -18.84 -32.87 -8.08
CA HIS A 188 -17.50 -33.06 -7.57
C HIS A 188 -17.24 -34.51 -7.19
N GLY A 189 -18.17 -35.11 -6.45
CA GLY A 189 -18.00 -36.50 -6.04
C GLY A 189 -18.03 -37.48 -7.20
N GLU A 190 -19.02 -37.31 -8.06
CA GLU A 190 -19.17 -38.17 -9.22
C GLU A 190 -17.90 -38.17 -10.04
N VAL A 191 -17.24 -37.01 -10.11
CA VAL A 191 -16.00 -36.91 -10.88
C VAL A 191 -14.95 -37.83 -10.27
N ILE A 192 -15.01 -37.98 -8.95
CA ILE A 192 -14.07 -38.85 -8.22
C ILE A 192 -14.46 -40.30 -8.43
N LYS A 193 -15.75 -40.58 -8.40
CA LYS A 193 -16.24 -41.95 -8.60
C LYS A 193 -15.98 -42.48 -9.99
N ARG A 194 -15.28 -41.72 -10.83
CA ARG A 194 -14.98 -42.17 -12.19
C ARG A 194 -13.53 -41.87 -12.51
N GLY A 195 -12.82 -41.35 -11.52
CA GLY A 195 -11.42 -41.01 -11.69
C GLY A 195 -11.13 -40.17 -12.91
N LEU A 196 -12.01 -39.21 -13.21
CA LEU A 196 -11.86 -38.33 -14.36
C LEU A 196 -10.63 -37.44 -14.24
N LYS A 197 -10.29 -37.09 -13.00
CA LYS A 197 -9.14 -36.23 -12.71
C LYS A 197 -9.10 -34.99 -13.60
N ILE A 198 -10.08 -34.11 -13.43
CA ILE A 198 -10.13 -32.88 -14.20
C ILE A 198 -9.03 -31.95 -13.68
N MSE A 199 -8.93 -31.86 -12.35
CA MSE A 199 -7.92 -31.05 -11.69
C MSE A 199 -7.10 -31.89 -10.75
O MSE A 199 -7.41 -33.05 -10.48
CB MSE A 199 -8.56 -29.92 -10.88
CG MSE A 199 -9.00 -28.72 -11.68
SE MSE A 199 -9.46 -27.23 -10.50
CE MSE A 199 -8.49 -25.79 -11.43
N ASP A 200 -6.05 -31.29 -10.23
CA ASP A 200 -5.15 -31.89 -9.27
C ASP A 200 -5.96 -32.41 -8.07
N ALA A 201 -5.44 -33.41 -7.37
CA ALA A 201 -6.14 -33.96 -6.20
C ALA A 201 -6.45 -32.90 -5.13
N THR A 202 -5.46 -32.06 -4.82
CA THR A 202 -5.59 -31.00 -3.82
C THR A 202 -6.61 -29.93 -4.23
N ALA A 203 -6.49 -29.47 -5.47
CA ALA A 203 -7.39 -28.46 -6.00
C ALA A 203 -8.83 -28.93 -5.96
N SER A 204 -9.02 -30.20 -6.30
CA SER A 204 -10.34 -30.79 -6.32
C SER A 204 -11.01 -30.74 -4.96
N THR A 205 -10.26 -31.06 -3.91
CA THR A 205 -10.81 -31.03 -2.57
C THR A 205 -11.25 -29.60 -2.22
N LEU A 206 -10.37 -28.64 -2.48
CA LEU A 206 -10.66 -27.23 -2.22
C LEU A 206 -11.92 -26.76 -2.93
N SER A 207 -12.02 -27.07 -4.22
CA SER A 207 -13.17 -26.65 -5.01
C SER A 207 -14.46 -27.22 -4.44
N MSE A 208 -14.45 -28.53 -4.20
CA MSE A 208 -15.62 -29.18 -3.64
C MSE A 208 -16.01 -28.58 -2.29
O MSE A 208 -17.11 -28.04 -2.13
CB MSE A 208 -15.36 -30.68 -3.50
CG MSE A 208 -16.45 -31.44 -2.79
SE MSE A 208 -16.43 -33.41 -3.05
CE MSE A 208 -14.50 -33.68 -3.33
N ASP A 209 -15.08 -28.65 -1.33
CA ASP A 209 -15.33 -28.14 0.02
C ASP A 209 -15.87 -26.72 0.04
N ASN A 210 -15.37 -25.85 -0.82
CA ASN A 210 -15.86 -24.48 -0.82
C ASN A 210 -16.94 -24.22 -1.83
N ASP A 211 -17.53 -25.29 -2.35
CA ASP A 211 -18.62 -25.21 -3.31
C ASP A 211 -18.32 -24.28 -4.50
N ILE A 212 -17.17 -24.48 -5.14
CA ILE A 212 -16.77 -23.68 -6.29
C ILE A 212 -16.95 -24.51 -7.55
N ASP A 213 -17.77 -24.02 -8.47
CA ASP A 213 -18.02 -24.74 -9.73
C ASP A 213 -16.78 -24.80 -10.60
N LEU A 214 -16.69 -25.83 -11.42
CA LEU A 214 -15.57 -25.96 -12.34
C LEU A 214 -16.17 -26.05 -13.72
N VAL A 215 -15.71 -25.23 -14.63
CA VAL A 215 -16.24 -25.28 -15.97
C VAL A 215 -15.08 -25.47 -16.94
N VAL A 216 -15.12 -26.55 -17.71
CA VAL A 216 -14.07 -26.83 -18.67
C VAL A 216 -14.70 -26.51 -20.03
N PHE A 217 -14.08 -25.63 -20.79
CA PHE A 217 -14.63 -25.29 -22.09
C PHE A 217 -13.54 -24.83 -23.06
N ASN A 218 -13.89 -24.73 -24.33
CA ASN A 218 -12.95 -24.28 -25.34
C ASN A 218 -13.06 -22.78 -25.50
N MSE A 219 -12.02 -22.09 -25.09
CA MSE A 219 -11.99 -20.64 -25.16
C MSE A 219 -11.63 -20.05 -26.53
O MSE A 219 -11.89 -18.87 -26.78
CB MSE A 219 -11.03 -20.12 -24.10
CG MSE A 219 -10.96 -18.63 -24.06
SE MSE A 219 -9.14 -18.08 -23.79
CE MSE A 219 -8.24 -19.09 -25.19
N ASN A 220 -11.05 -20.85 -27.42
CA ASN A 220 -10.66 -20.38 -28.74
C ASN A 220 -11.86 -20.02 -29.61
N GLU A 221 -13.06 -20.28 -29.12
CA GLU A 221 -14.28 -19.98 -29.84
C GLU A 221 -14.71 -18.56 -29.48
N ALA A 222 -14.99 -17.75 -30.49
CA ALA A 222 -15.41 -16.38 -30.28
C ALA A 222 -16.64 -16.24 -29.36
N GLY A 223 -16.52 -15.39 -28.34
CA GLY A 223 -17.65 -15.18 -27.43
C GLY A 223 -18.07 -16.39 -26.63
N ASN A 224 -17.25 -17.44 -26.67
CA ASN A 224 -17.53 -18.67 -25.95
C ASN A 224 -17.52 -18.42 -24.44
N ILE A 225 -16.42 -17.91 -23.92
CA ILE A 225 -16.32 -17.63 -22.51
C ILE A 225 -17.54 -16.86 -22.01
N GLN A 226 -17.98 -15.89 -22.80
CA GLN A 226 -19.13 -15.08 -22.45
C GLN A 226 -20.36 -15.96 -22.23
N ARG A 227 -20.55 -16.91 -23.14
CA ARG A 227 -21.68 -17.85 -23.05
C ARG A 227 -21.66 -18.64 -21.74
N VAL A 228 -20.47 -19.13 -21.38
CA VAL A 228 -20.29 -19.87 -20.13
C VAL A 228 -20.79 -19.01 -18.98
N VAL A 229 -20.36 -17.76 -18.96
CA VAL A 229 -20.73 -16.83 -17.91
C VAL A 229 -22.23 -16.63 -17.81
N PHE A 230 -22.89 -16.69 -18.96
CA PHE A 230 -24.35 -16.51 -18.99
C PHE A 230 -25.16 -17.79 -18.86
N GLY A 231 -24.50 -18.91 -18.61
CA GLY A 231 -25.24 -20.15 -18.47
C GLY A 231 -25.36 -21.03 -19.70
N GLU A 232 -25.10 -20.48 -20.89
CA GLU A 232 -25.19 -21.27 -22.11
C GLU A 232 -24.33 -22.54 -22.00
N HIS A 233 -24.99 -23.68 -21.81
CA HIS A 233 -24.30 -24.97 -21.68
C HIS A 233 -23.38 -25.18 -22.89
N ILE A 234 -22.09 -24.92 -22.73
CA ILE A 234 -21.18 -25.06 -23.86
C ILE A 234 -20.11 -26.12 -23.58
N GLY A 235 -19.65 -26.20 -22.33
CA GLY A 235 -18.63 -27.18 -21.99
C GLY A 235 -19.10 -28.21 -20.99
N THR A 236 -18.32 -28.40 -19.94
CA THR A 236 -18.66 -29.37 -18.89
C THR A 236 -18.61 -28.63 -17.57
N THR A 237 -19.72 -28.63 -16.84
CA THR A 237 -19.79 -27.96 -15.55
C THR A 237 -19.76 -28.95 -14.41
N VAL A 238 -18.84 -28.77 -13.50
CA VAL A 238 -18.72 -29.63 -12.33
C VAL A 238 -19.15 -28.83 -11.11
N SER A 239 -20.08 -29.36 -10.33
CA SER A 239 -20.51 -28.64 -9.13
C SER A 239 -21.27 -29.58 -8.21
N ASN A 240 -21.79 -29.04 -7.11
CA ASN A 240 -22.55 -29.83 -6.17
C ASN A 240 -24.05 -29.76 -6.48
N LYS A 241 -24.37 -29.88 -7.76
CA LYS A 241 -25.75 -29.84 -8.25
C LYS A 241 -26.53 -28.74 -7.55
N GLU B 4 -5.07 28.53 -19.33
CA GLU B 4 -4.71 27.51 -20.37
C GLU B 4 -3.20 27.22 -20.33
N PRO B 5 -2.73 26.50 -19.29
CA PRO B 5 -1.31 26.17 -19.15
C PRO B 5 -0.77 25.44 -20.37
N LYS B 6 0.44 25.80 -20.76
CA LYS B 6 1.10 25.20 -21.91
C LYS B 6 1.41 23.74 -21.64
N TYR B 7 1.57 23.41 -20.36
CA TYR B 7 1.87 22.05 -19.92
C TYR B 7 0.84 21.51 -18.96
N GLN B 8 0.51 20.23 -19.08
CA GLN B 8 -0.50 19.61 -18.22
C GLN B 8 0.13 18.88 -17.04
N ARG B 9 1.39 18.49 -17.21
CA ARG B 9 2.07 17.80 -16.14
C ARG B 9 3.55 18.10 -16.22
N ILE B 10 4.08 18.74 -15.18
CA ILE B 10 5.47 19.11 -15.16
C ILE B 10 6.17 18.52 -13.96
N LEU B 11 7.49 18.47 -14.02
CA LEU B 11 8.29 17.95 -12.93
C LEU B 11 9.30 19.04 -12.62
N ILE B 12 9.13 19.67 -11.46
CA ILE B 12 10.02 20.75 -11.05
C ILE B 12 11.26 20.18 -10.36
N LYS B 13 12.42 20.57 -10.85
CA LYS B 13 13.67 20.13 -10.26
C LYS B 13 14.28 21.27 -9.45
N LEU B 14 14.48 21.04 -8.15
CA LEU B 14 15.06 22.03 -7.27
C LEU B 14 16.40 21.55 -6.74
N SER B 15 17.33 22.47 -6.52
CA SER B 15 18.63 22.09 -5.98
C SER B 15 18.50 22.17 -4.46
N GLY B 16 19.27 21.36 -3.74
CA GLY B 16 19.21 21.40 -2.29
C GLY B 16 19.47 22.80 -1.76
N GLU B 17 20.45 23.48 -2.35
CA GLU B 17 20.82 24.83 -1.94
C GLU B 17 19.60 25.74 -1.85
N ALA B 18 18.71 25.62 -2.83
CA ALA B 18 17.50 26.43 -2.88
C ALA B 18 16.67 26.36 -1.61
N LEU B 19 16.98 25.40 -0.73
CA LEU B 19 16.24 25.24 0.51
C LEU B 19 17.08 25.60 1.72
N ALA B 20 18.36 25.87 1.48
CA ALA B 20 19.28 26.23 2.57
C ALA B 20 19.14 27.67 3.02
N GLY B 21 18.82 28.56 2.08
CA GLY B 21 18.67 29.94 2.44
C GLY B 21 19.99 30.69 2.54
N GLU B 22 20.02 31.69 3.41
CA GLU B 22 21.21 32.55 3.63
C GLU B 22 22.51 31.76 3.63
N LYS B 23 22.72 31.02 4.73
CA LYS B 23 23.90 30.18 4.95
C LYS B 23 24.39 29.52 3.66
N GLY B 24 23.63 28.55 3.17
CA GLY B 24 23.99 27.83 1.98
C GLY B 24 23.98 26.35 2.31
N VAL B 25 23.87 26.08 3.60
CA VAL B 25 23.84 24.73 4.12
C VAL B 25 22.65 24.53 5.06
N GLY B 26 22.28 23.27 5.29
CA GLY B 26 21.16 22.97 6.15
C GLY B 26 19.84 23.28 5.47
N ILE B 27 18.76 23.15 6.23
CA ILE B 27 17.43 23.43 5.70
C ILE B 27 16.80 24.58 6.47
N ASP B 28 16.41 25.64 5.78
CA ASP B 28 15.77 26.76 6.44
C ASP B 28 14.27 26.66 6.13
N ILE B 29 13.50 26.15 7.07
CA ILE B 29 12.07 25.95 6.85
C ILE B 29 11.33 27.15 6.26
N PRO B 30 11.51 28.35 6.84
CA PRO B 30 10.82 29.53 6.30
C PRO B 30 11.10 29.72 4.79
N THR B 31 12.30 29.31 4.35
CA THR B 31 12.65 29.41 2.94
C THR B 31 11.87 28.37 2.15
N VAL B 32 11.77 27.18 2.71
CA VAL B 32 11.07 26.10 2.04
C VAL B 32 9.59 26.48 1.86
N GLN B 33 8.99 27.05 2.89
CA GLN B 33 7.59 27.46 2.85
C GLN B 33 7.36 28.51 1.77
N ALA B 34 8.36 29.37 1.58
CA ALA B 34 8.28 30.42 0.57
C ALA B 34 8.15 29.78 -0.82
N ILE B 35 8.91 28.71 -1.06
CA ILE B 35 8.86 28.02 -2.34
C ILE B 35 7.58 27.17 -2.47
N ALA B 36 7.18 26.55 -1.35
CA ALA B 36 5.99 25.73 -1.29
C ALA B 36 4.73 26.57 -1.54
N LYS B 37 4.73 27.78 -1.02
CA LYS B 37 3.60 28.68 -1.21
C LYS B 37 3.45 29.02 -2.69
N GLU B 38 4.57 29.15 -3.39
CA GLU B 38 4.53 29.48 -4.80
C GLU B 38 4.05 28.31 -5.64
N ILE B 39 4.53 27.11 -5.33
CA ILE B 39 4.12 25.90 -6.04
C ILE B 39 2.64 25.66 -5.76
N ALA B 40 2.23 25.89 -4.52
CA ALA B 40 0.84 25.71 -4.13
C ALA B 40 -0.05 26.58 -5.00
N GLU B 41 0.40 27.80 -5.26
CA GLU B 41 -0.37 28.72 -6.08
C GLU B 41 -0.50 28.23 -7.52
N VAL B 42 0.58 27.68 -8.08
CA VAL B 42 0.56 27.17 -9.45
C VAL B 42 -0.33 25.93 -9.49
N HIS B 43 -0.26 25.14 -8.44
CA HIS B 43 -1.06 23.94 -8.36
C HIS B 43 -2.55 24.23 -8.49
N VAL B 44 -2.95 25.45 -8.17
CA VAL B 44 -4.36 25.86 -8.24
C VAL B 44 -4.85 25.92 -9.68
N SER B 45 -3.91 26.08 -10.63
CA SER B 45 -4.25 26.16 -12.03
C SER B 45 -4.77 24.83 -12.55
N GLY B 46 -4.47 23.76 -11.85
CA GLY B 46 -4.93 22.46 -12.29
C GLY B 46 -3.82 21.62 -12.90
N VAL B 47 -2.62 22.18 -12.93
CA VAL B 47 -1.47 21.48 -13.49
C VAL B 47 -0.93 20.41 -12.54
N GLN B 48 -0.74 19.20 -13.04
CA GLN B 48 -0.20 18.12 -12.23
C GLN B 48 1.27 18.41 -11.99
N ILE B 49 1.73 18.24 -10.75
CA ILE B 49 3.12 18.56 -10.42
C ILE B 49 3.88 17.48 -9.67
N ALA B 50 5.17 17.36 -9.98
CA ALA B 50 6.02 16.41 -9.29
C ALA B 50 7.34 17.14 -9.02
N LEU B 51 7.95 16.90 -7.88
CA LEU B 51 9.20 17.54 -7.52
C LEU B 51 10.35 16.57 -7.35
N VAL B 52 11.55 17.08 -7.61
CA VAL B 52 12.76 16.29 -7.46
C VAL B 52 13.74 17.29 -6.86
N ILE B 53 14.14 17.08 -5.61
CA ILE B 53 15.06 18.00 -4.94
C ILE B 53 16.46 17.40 -4.77
N GLY B 54 17.48 18.24 -4.81
CA GLY B 54 18.84 17.76 -4.63
C GLY B 54 19.24 17.78 -3.16
N GLY B 55 20.44 17.34 -2.84
CA GLY B 55 20.85 17.34 -1.44
C GLY B 55 22.15 18.07 -1.17
N GLY B 56 22.47 19.05 -2.01
CA GLY B 56 23.70 19.81 -1.84
C GLY B 56 23.74 20.59 -0.55
N ASN B 57 22.57 21.00 -0.09
CA ASN B 57 22.46 21.77 1.12
C ASN B 57 22.77 20.95 2.37
N LEU B 58 22.76 19.62 2.25
CA LEU B 58 23.04 18.77 3.39
C LEU B 58 24.29 17.92 3.20
N TRP B 59 24.66 17.70 1.95
CA TRP B 59 25.82 16.87 1.66
C TRP B 59 26.37 17.07 0.25
N ARG B 60 27.69 17.20 0.17
CA ARG B 60 28.33 17.36 -1.13
C ARG B 60 29.37 16.26 -1.25
N GLY B 61 29.38 15.62 -2.41
CA GLY B 61 30.29 14.51 -2.65
C GLY B 61 31.74 14.92 -2.82
N GLU B 62 31.93 16.11 -3.38
CA GLU B 62 33.27 16.63 -3.61
C GLU B 62 34.20 16.44 -2.41
N PRO B 63 33.90 17.09 -1.27
CA PRO B 63 34.77 16.91 -0.10
C PRO B 63 34.83 15.45 0.39
N ALA B 64 33.78 14.68 0.12
CA ALA B 64 33.76 13.28 0.54
C ALA B 64 34.84 12.52 -0.20
N ALA B 65 34.92 12.75 -1.51
CA ALA B 65 35.93 12.09 -2.33
C ALA B 65 37.32 12.57 -1.92
N ASP B 66 37.43 13.86 -1.63
CA ASP B 66 38.70 14.43 -1.21
C ASP B 66 39.13 13.79 0.11
N ALA B 67 38.16 13.57 0.98
CA ALA B 67 38.42 12.95 2.28
C ALA B 67 38.71 11.46 2.14
N GLY B 68 38.40 10.90 0.97
CA GLY B 68 38.67 9.49 0.74
C GLY B 68 37.56 8.55 1.14
N MSE B 69 36.35 9.07 1.24
CA MSE B 69 35.24 8.21 1.60
C MSE B 69 34.77 7.44 0.39
O MSE B 69 34.78 7.95 -0.73
CB MSE B 69 34.10 9.04 2.16
CG MSE B 69 32.96 8.19 2.64
SE MSE B 69 31.41 9.23 3.20
CE MSE B 69 30.09 7.81 3.12
N ASP B 70 34.37 6.20 0.63
CA ASP B 70 33.88 5.31 -0.42
C ASP B 70 32.79 5.98 -1.26
N ARG B 71 33.01 6.03 -2.57
CA ARG B 71 32.07 6.67 -3.49
C ARG B 71 30.62 6.19 -3.38
N VAL B 72 30.45 4.87 -3.32
CA VAL B 72 29.12 4.31 -3.23
C VAL B 72 28.46 4.74 -1.95
N GLN B 73 29.13 4.55 -0.82
CA GLN B 73 28.55 4.95 0.45
C GLN B 73 28.27 6.44 0.48
N ALA B 74 29.17 7.21 -0.10
CA ALA B 74 29.00 8.65 -0.14
C ALA B 74 27.74 9.03 -0.92
N ASP B 75 27.49 8.36 -2.03
CA ASP B 75 26.30 8.66 -2.82
C ASP B 75 25.01 8.32 -2.06
N TYR B 76 25.00 7.22 -1.33
CA TYR B 76 23.82 6.84 -0.58
C TYR B 76 23.55 7.89 0.49
N THR B 77 24.61 8.36 1.13
CA THR B 77 24.50 9.37 2.16
C THR B 77 23.76 10.57 1.61
N GLY B 78 24.12 10.97 0.39
CA GLY B 78 23.47 12.09 -0.24
C GLY B 78 22.01 11.84 -0.52
N MSE B 79 21.68 10.65 -1.00
CA MSE B 79 20.30 10.33 -1.30
C MSE B 79 19.41 10.47 -0.08
O MSE B 79 18.26 10.88 -0.19
CB MSE B 79 20.19 8.91 -1.84
CG MSE B 79 20.60 8.82 -3.31
SE MSE B 79 20.61 7.02 -3.99
CE MSE B 79 22.51 6.88 -4.35
N LEU B 80 19.95 10.11 1.08
CA LEU B 80 19.19 10.22 2.32
C LEU B 80 18.87 11.69 2.54
N GLY B 81 19.86 12.55 2.31
CA GLY B 81 19.67 13.97 2.49
C GLY B 81 18.54 14.46 1.60
N THR B 82 18.35 13.78 0.49
CA THR B 82 17.33 14.11 -0.47
C THR B 82 15.92 13.89 0.09
N VAL B 83 15.79 12.83 0.88
CA VAL B 83 14.52 12.49 1.51
C VAL B 83 14.21 13.48 2.62
N MSE B 84 15.24 14.01 3.26
CA MSE B 84 15.00 14.98 4.30
C MSE B 84 14.42 16.24 3.71
O MSE B 84 13.50 16.84 4.28
CB MSE B 84 16.28 15.32 5.03
CG MSE B 84 16.78 14.21 5.91
SE MSE B 84 18.56 14.60 6.55
CE MSE B 84 18.13 16.07 7.76
N ASN B 85 14.94 16.66 2.56
CA ASN B 85 14.43 17.85 1.90
C ASN B 85 13.00 17.59 1.44
N ALA B 86 12.74 16.37 0.99
CA ALA B 86 11.42 16.00 0.51
C ALA B 86 10.39 16.08 1.63
N LEU B 87 10.71 15.52 2.80
CA LEU B 87 9.79 15.54 3.92
C LEU B 87 9.45 16.97 4.32
N VAL B 88 10.45 17.83 4.37
CA VAL B 88 10.21 19.22 4.73
C VAL B 88 9.43 19.94 3.65
N MSE B 89 9.69 19.63 2.39
CA MSE B 89 9.00 20.27 1.28
C MSE B 89 7.55 19.80 1.25
O MSE B 89 6.64 20.57 0.94
CB MSE B 89 9.70 19.95 -0.04
CG MSE B 89 8.99 20.48 -1.29
SE MSE B 89 8.67 22.44 -1.35
CE MSE B 89 10.41 23.04 -2.01
N ALA B 90 7.35 18.53 1.57
CA ALA B 90 6.02 17.97 1.57
C ALA B 90 5.16 18.60 2.66
N ASP B 91 5.74 18.79 3.84
CA ASP B 91 5.04 19.39 4.97
C ASP B 91 4.67 20.82 4.68
N SER B 92 5.62 21.58 4.12
CA SER B 92 5.39 22.97 3.80
C SER B 92 4.26 23.09 2.80
N LEU B 93 4.19 22.15 1.86
CA LEU B 93 3.14 22.20 0.86
C LEU B 93 1.79 21.95 1.50
N GLN B 94 1.75 21.06 2.48
CA GLN B 94 0.49 20.77 3.15
C GLN B 94 0.02 22.01 3.90
N HIS B 95 0.97 22.84 4.31
CA HIS B 95 0.66 24.09 5.01
C HIS B 95 -0.26 24.99 4.20
N TYR B 96 -0.25 24.82 2.87
CA TYR B 96 -1.09 25.61 1.99
C TYR B 96 -2.19 24.76 1.39
N GLY B 97 -2.63 23.76 2.15
CA GLY B 97 -3.70 22.89 1.72
C GLY B 97 -3.47 22.04 0.49
N VAL B 98 -2.25 21.58 0.29
CA VAL B 98 -1.96 20.75 -0.86
C VAL B 98 -1.77 19.32 -0.38
N ASP B 99 -2.49 18.38 -0.98
CA ASP B 99 -2.38 16.97 -0.60
C ASP B 99 -1.15 16.44 -1.31
N THR B 100 -0.09 16.18 -0.55
CA THR B 100 1.16 15.70 -1.11
C THR B 100 1.53 14.27 -0.73
N ARG B 101 2.39 13.66 -1.52
CA ARG B 101 2.86 12.30 -1.24
C ARG B 101 4.34 12.21 -1.56
N VAL B 102 5.12 11.67 -0.64
CA VAL B 102 6.54 11.52 -0.88
C VAL B 102 6.79 10.08 -1.29
N GLN B 103 7.56 9.86 -2.36
CA GLN B 103 7.89 8.51 -2.80
C GLN B 103 9.40 8.42 -2.88
N THR B 104 9.99 7.48 -2.16
CA THR B 104 11.43 7.34 -2.18
C THR B 104 11.89 6.17 -3.03
N ALA B 105 12.99 6.37 -3.75
CA ALA B 105 13.56 5.32 -4.59
C ALA B 105 14.05 4.20 -3.69
N ILE B 106 14.41 4.54 -2.46
CA ILE B 106 14.86 3.57 -1.49
C ILE B 106 13.68 3.43 -0.55
N PRO B 107 13.00 2.27 -0.56
CA PRO B 107 11.84 1.99 0.29
C PRO B 107 12.15 2.11 1.78
N MSE B 108 11.32 2.88 2.47
CA MSE B 108 11.43 3.13 3.89
C MSE B 108 10.05 3.03 4.49
O MSE B 108 9.54 3.97 5.10
CB MSE B 108 11.95 4.53 4.13
CG MSE B 108 13.41 4.68 3.95
SE MSE B 108 13.83 6.56 3.83
CE MSE B 108 14.83 6.47 2.17
N GLN B 109 9.45 1.86 4.27
CA GLN B 109 8.11 1.55 4.73
C GLN B 109 7.44 2.58 5.64
N ASN B 110 8.00 2.79 6.83
CA ASN B 110 7.44 3.72 7.81
C ASN B 110 7.51 5.20 7.47
N VAL B 111 8.72 5.70 7.24
CA VAL B 111 8.96 7.11 6.96
C VAL B 111 8.24 7.67 5.73
N ALA B 112 8.26 6.95 4.62
CA ALA B 112 7.62 7.44 3.41
C ALA B 112 7.28 6.33 2.46
N GLU B 113 6.28 6.58 1.63
CA GLU B 113 5.80 5.61 0.66
C GLU B 113 6.87 5.26 -0.38
N PRO B 114 7.06 3.96 -0.66
CA PRO B 114 8.08 3.57 -1.64
C PRO B 114 7.63 3.96 -3.04
N TYR B 115 8.58 4.13 -3.96
CA TYR B 115 8.27 4.54 -5.32
C TYR B 115 7.72 3.44 -6.22
N ILE B 116 6.52 3.67 -6.73
CA ILE B 116 5.86 2.72 -7.62
C ILE B 116 5.18 3.57 -8.68
N ARG B 117 5.63 3.45 -9.92
CA ARG B 117 5.07 4.24 -11.02
C ARG B 117 3.55 4.21 -11.03
N GLY B 118 2.98 3.01 -10.83
CA GLY B 118 1.54 2.88 -10.82
C GLY B 118 0.89 3.85 -9.86
N ARG B 119 1.36 3.84 -8.61
CA ARG B 119 0.84 4.72 -7.56
C ARG B 119 1.09 6.18 -7.92
N ALA B 120 2.35 6.48 -8.23
CA ALA B 120 2.72 7.84 -8.58
C ALA B 120 1.77 8.38 -9.63
N LEU B 121 1.54 7.62 -10.69
CA LEU B 121 0.64 8.10 -11.73
C LEU B 121 -0.74 8.42 -11.18
N ARG B 122 -1.33 7.45 -10.50
CA ARG B 122 -2.66 7.62 -9.91
C ARG B 122 -2.76 8.80 -8.95
N HIS B 123 -1.68 9.04 -8.21
CA HIS B 123 -1.63 10.15 -7.26
C HIS B 123 -1.80 11.47 -7.99
N LEU B 124 -1.02 11.66 -9.05
CA LEU B 124 -1.08 12.87 -9.84
C LEU B 124 -2.47 13.05 -10.44
N GLU B 125 -3.09 11.94 -10.83
CA GLU B 125 -4.43 11.96 -11.42
C GLU B 125 -5.44 12.44 -10.38
N LYS B 126 -5.09 12.31 -9.11
CA LYS B 126 -5.95 12.76 -8.02
C LYS B 126 -5.59 14.18 -7.60
N ASN B 127 -4.84 14.87 -8.45
CA ASN B 127 -4.43 16.25 -8.19
C ASN B 127 -3.57 16.42 -6.95
N ARG B 128 -2.73 15.44 -6.66
CA ARG B 128 -1.84 15.52 -5.51
C ARG B 128 -0.44 15.80 -6.03
N ILE B 129 0.39 16.42 -5.22
CA ILE B 129 1.76 16.69 -5.63
C ILE B 129 2.61 15.55 -5.11
N VAL B 130 3.46 15.01 -5.98
CA VAL B 130 4.33 13.90 -5.62
C VAL B 130 5.76 14.41 -5.48
N VAL B 131 6.39 14.10 -4.36
CA VAL B 131 7.77 14.52 -4.15
C VAL B 131 8.66 13.27 -4.11
N PHE B 132 9.57 13.17 -5.08
CA PHE B 132 10.47 12.00 -5.15
C PHE B 132 11.72 12.20 -4.32
N GLY B 133 12.17 11.14 -3.64
CA GLY B 133 13.37 11.24 -2.83
C GLY B 133 14.35 10.11 -3.09
N ALA B 134 15.61 10.28 -2.70
CA ALA B 134 16.65 9.26 -2.91
C ALA B 134 17.04 9.04 -4.37
N GLY B 135 16.82 10.04 -5.22
CA GLY B 135 17.17 9.89 -6.62
C GLY B 135 16.57 8.66 -7.26
N ILE B 136 17.40 7.73 -7.70
CA ILE B 136 16.88 6.50 -8.29
C ILE B 136 17.30 5.25 -7.52
N GLY B 137 17.79 5.45 -6.28
CA GLY B 137 18.22 4.35 -5.43
C GLY B 137 19.50 3.66 -5.84
N SER B 138 20.17 4.23 -6.84
CA SER B 138 21.39 3.64 -7.33
C SER B 138 22.47 4.72 -7.40
N PRO B 139 23.73 4.34 -7.10
CA PRO B 139 24.87 5.27 -7.12
C PRO B 139 25.37 5.59 -8.53
N TYR B 140 26.33 6.51 -8.59
CA TYR B 140 26.94 6.93 -9.84
C TYR B 140 26.06 7.73 -10.78
N PHE B 141 24.80 7.94 -10.44
CA PHE B 141 23.94 8.74 -11.30
C PHE B 141 23.77 10.12 -10.73
N SER B 142 23.36 11.09 -11.53
CA SER B 142 23.18 12.47 -11.07
C SER B 142 21.72 12.83 -10.84
N THR B 143 21.49 14.02 -10.29
CA THR B 143 20.14 14.51 -10.02
C THR B 143 19.41 14.81 -11.32
N ASP B 144 20.16 15.07 -12.39
CA ASP B 144 19.55 15.33 -13.68
C ASP B 144 18.95 14.02 -14.16
N THR B 145 19.70 12.95 -14.00
CA THR B 145 19.25 11.64 -14.42
C THR B 145 17.97 11.30 -13.67
N THR B 146 17.91 11.69 -12.41
CA THR B 146 16.74 11.44 -11.60
C THR B 146 15.54 12.21 -12.12
N ALA B 147 15.72 13.49 -12.43
CA ALA B 147 14.63 14.29 -12.95
C ALA B 147 14.17 13.77 -14.31
N ALA B 148 15.11 13.39 -15.16
CA ALA B 148 14.78 12.90 -16.48
C ALA B 148 14.05 11.57 -16.42
N LEU B 149 14.62 10.63 -15.68
CA LEU B 149 14.03 9.30 -15.55
C LEU B 149 12.63 9.39 -14.96
N ARG B 150 12.47 10.13 -13.87
CA ARG B 150 11.18 10.27 -13.24
C ARG B 150 10.17 10.96 -14.13
N ALA B 151 10.62 11.99 -14.85
CA ALA B 151 9.74 12.73 -15.76
C ALA B 151 9.21 11.81 -16.85
N ALA B 152 10.07 10.91 -17.33
CA ALA B 152 9.70 9.98 -18.37
C ALA B 152 8.71 8.92 -17.86
N GLU B 153 8.89 8.50 -16.62
CA GLU B 153 8.02 7.50 -16.02
C GLU B 153 6.63 8.00 -15.72
N ILE B 154 6.54 9.22 -15.19
CA ILE B 154 5.22 9.78 -14.88
C ILE B 154 4.68 10.48 -16.11
N GLU B 155 5.42 10.41 -17.20
CA GLU B 155 5.00 11.01 -18.46
C GLU B 155 4.67 12.51 -18.31
N ALA B 156 5.68 13.29 -17.96
CA ALA B 156 5.53 14.73 -17.79
C ALA B 156 5.79 15.42 -19.13
N ASP B 157 5.13 16.55 -19.37
CA ASP B 157 5.32 17.26 -20.61
C ASP B 157 6.62 18.06 -20.62
N ALA B 158 7.02 18.57 -19.45
CA ALA B 158 8.25 19.35 -19.38
C ALA B 158 8.92 19.26 -18.01
N ILE B 159 10.19 19.61 -17.95
CA ILE B 159 10.92 19.61 -16.70
C ILE B 159 11.33 21.04 -16.44
N LEU B 160 10.72 21.68 -15.45
CA LEU B 160 11.11 23.05 -15.17
C LEU B 160 12.31 23.02 -14.23
N MSE B 161 13.47 23.40 -14.73
CA MSE B 161 14.65 23.44 -13.89
C MSE B 161 14.71 24.79 -13.23
O MSE B 161 15.38 25.70 -13.72
CB MSE B 161 15.91 23.22 -14.70
CG MSE B 161 16.17 21.77 -14.97
SE MSE B 161 17.52 21.64 -16.29
CE MSE B 161 16.35 21.49 -17.85
N ALA B 162 13.99 24.90 -12.12
CA ALA B 162 13.92 26.14 -11.37
C ALA B 162 15.26 26.45 -10.74
N LYS B 163 16.06 27.24 -11.45
CA LYS B 163 17.37 27.64 -10.97
C LYS B 163 17.23 28.74 -9.91
N ASN B 164 18.08 28.71 -8.90
CA ASN B 164 18.02 29.71 -7.84
C ASN B 164 19.01 30.81 -8.16
N GLY B 165 18.76 31.54 -9.25
CA GLY B 165 19.65 32.60 -9.66
C GLY B 165 19.67 32.76 -11.17
N VAL B 166 20.29 31.81 -11.87
CA VAL B 166 20.37 31.84 -13.33
C VAL B 166 18.99 31.97 -13.96
N ASP B 167 18.89 32.70 -15.08
CA ASP B 167 17.59 32.87 -15.71
C ASP B 167 17.46 32.29 -17.11
N GLY B 168 18.41 31.44 -17.50
CA GLY B 168 18.35 30.84 -18.82
C GLY B 168 19.69 30.27 -19.24
N VAL B 169 19.73 29.77 -20.46
CA VAL B 169 20.96 29.21 -20.98
C VAL B 169 21.70 30.31 -21.74
N TYR B 170 22.97 30.51 -21.39
CA TYR B 170 23.80 31.52 -22.03
C TYR B 170 24.97 30.81 -22.69
N ASN B 171 25.53 31.44 -23.72
CA ASN B 171 26.66 30.84 -24.42
C ASN B 171 27.93 31.11 -23.64
N ALA B 172 27.88 32.23 -22.92
CA ALA B 172 28.98 32.71 -22.11
C ALA B 172 28.47 32.98 -20.69
N ASP B 173 29.37 33.03 -19.73
CA ASP B 173 29.02 33.27 -18.33
C ASP B 173 28.40 34.69 -18.18
N PRO B 174 27.07 34.78 -18.01
CA PRO B 174 26.35 36.04 -17.86
C PRO B 174 26.87 36.87 -16.70
N LYS B 175 27.72 36.26 -15.91
CA LYS B 175 28.29 36.97 -14.78
C LYS B 175 29.56 37.66 -15.22
N LYS B 176 30.34 36.98 -16.05
CA LYS B 176 31.60 37.53 -16.54
C LYS B 176 31.38 38.50 -17.74
N ASP B 177 30.78 37.99 -18.82
CA ASP B 177 30.47 38.76 -20.03
C ASP B 177 29.15 39.51 -19.82
N ALA B 178 29.19 40.83 -20.01
CA ALA B 178 28.02 41.70 -19.80
C ALA B 178 27.06 41.78 -20.98
N ASN B 179 27.53 41.34 -22.15
CA ASN B 179 26.71 41.37 -23.35
C ASN B 179 26.12 40.01 -23.64
N ALA B 180 26.32 39.06 -22.74
CA ALA B 180 25.79 37.73 -22.96
C ALA B 180 24.29 37.77 -23.21
N VAL B 181 23.80 36.84 -24.04
CA VAL B 181 22.38 36.74 -24.36
C VAL B 181 21.91 35.29 -24.24
N LYS B 182 20.82 35.10 -23.51
CA LYS B 182 20.27 33.76 -23.32
C LYS B 182 19.46 33.35 -24.54
N PHE B 183 19.42 32.05 -24.80
CA PHE B 183 18.67 31.54 -25.93
C PHE B 183 17.21 31.48 -25.51
N ASP B 184 16.27 31.71 -26.42
CA ASP B 184 14.87 31.62 -26.03
C ASP B 184 14.33 30.21 -26.27
N GLU B 185 14.66 29.65 -27.43
CA GLU B 185 14.21 28.33 -27.79
C GLU B 185 15.31 27.54 -28.50
N LEU B 186 15.59 26.34 -28.01
CA LEU B 186 16.61 25.48 -28.58
C LEU B 186 16.06 24.08 -28.73
N THR B 187 16.70 23.27 -29.55
CA THR B 187 16.25 21.90 -29.70
C THR B 187 17.27 21.01 -29.03
N HIS B 188 16.82 19.86 -28.57
CA HIS B 188 17.71 18.92 -27.91
C HIS B 188 19.00 18.69 -28.68
N GLY B 189 18.89 18.48 -29.98
CA GLY B 189 20.06 18.25 -30.80
C GLY B 189 20.96 19.47 -30.91
N GLU B 190 20.33 20.61 -31.17
CA GLU B 190 21.06 21.86 -31.31
C GLU B 190 21.87 22.13 -30.06
N VAL B 191 21.32 21.76 -28.91
CA VAL B 191 22.02 21.95 -27.64
C VAL B 191 23.31 21.14 -27.64
N ILE B 192 23.27 20.00 -28.31
CA ILE B 192 24.44 19.12 -28.39
C ILE B 192 25.43 19.69 -29.39
N LYS B 193 24.91 20.20 -30.51
CA LYS B 193 25.76 20.78 -31.55
C LYS B 193 26.49 22.03 -31.09
N ARG B 194 26.35 22.42 -29.83
CA ARG B 194 27.01 23.61 -29.33
C ARG B 194 27.65 23.31 -27.98
N GLY B 195 27.53 22.04 -27.57
CA GLY B 195 28.09 21.62 -26.30
C GLY B 195 27.69 22.48 -25.13
N LEU B 196 26.42 22.94 -25.12
CA LEU B 196 25.91 23.78 -24.05
C LEU B 196 25.86 23.05 -22.71
N LYS B 197 25.65 21.74 -22.76
CA LYS B 197 25.59 20.90 -21.57
C LYS B 197 24.69 21.50 -20.48
N ILE B 198 23.40 21.57 -20.75
CA ILE B 198 22.45 22.10 -19.79
C ILE B 198 22.28 21.07 -18.70
N MSE B 199 22.14 19.81 -19.10
CA MSE B 199 21.98 18.69 -18.18
C MSE B 199 23.05 17.65 -18.44
O MSE B 199 23.78 17.71 -19.42
CB MSE B 199 20.62 18.03 -18.32
CG MSE B 199 19.47 18.72 -17.62
SE MSE B 199 17.91 17.60 -17.61
CE MSE B 199 17.35 17.84 -15.73
N ASP B 200 23.10 16.68 -17.55
CA ASP B 200 24.02 15.55 -17.62
C ASP B 200 23.85 14.86 -18.97
N ALA B 201 24.89 14.17 -19.43
CA ALA B 201 24.82 13.46 -20.72
C ALA B 201 23.67 12.44 -20.78
N THR B 202 23.53 11.66 -19.72
CA THR B 202 22.49 10.63 -19.63
C THR B 202 21.09 11.22 -19.60
N ALA B 203 20.90 12.23 -18.75
CA ALA B 203 19.62 12.91 -18.62
C ALA B 203 19.17 13.49 -19.95
N SER B 204 20.12 14.08 -20.66
CA SER B 204 19.84 14.70 -21.93
C SER B 204 19.27 13.70 -22.93
N THR B 205 19.87 12.51 -23.00
CA THR B 205 19.40 11.49 -23.92
C THR B 205 17.95 11.12 -23.58
N LEU B 206 17.69 10.86 -22.30
CA LEU B 206 16.36 10.50 -21.82
C LEU B 206 15.31 11.56 -22.18
N SER B 207 15.64 12.82 -21.91
CA SER B 207 14.72 13.92 -22.19
C SER B 207 14.40 13.99 -23.68
N MSE B 208 15.43 13.96 -24.50
CA MSE B 208 15.23 14.02 -25.94
C MSE B 208 14.40 12.84 -26.42
O MSE B 208 13.31 13.04 -26.98
CB MSE B 208 16.59 14.04 -26.65
CG MSE B 208 16.52 13.89 -28.14
SE MSE B 208 18.16 14.47 -29.07
CE MSE B 208 19.51 14.00 -27.75
N ASP B 209 14.89 11.62 -26.18
CA ASP B 209 14.19 10.41 -26.60
C ASP B 209 12.73 10.35 -26.21
N ASN B 210 12.40 10.83 -25.02
CA ASN B 210 11.00 10.80 -24.59
C ASN B 210 10.26 12.09 -24.84
N ASP B 211 10.85 12.95 -25.67
CA ASP B 211 10.25 14.23 -26.02
C ASP B 211 9.80 15.05 -24.80
N ILE B 212 10.69 15.21 -23.83
CA ILE B 212 10.39 15.98 -22.63
C ILE B 212 11.08 17.33 -22.71
N ASP B 213 10.31 18.41 -22.66
CA ASP B 213 10.87 19.76 -22.74
C ASP B 213 11.71 20.09 -21.54
N LEU B 214 12.68 20.96 -21.72
CA LEU B 214 13.52 21.40 -20.62
C LEU B 214 13.38 22.90 -20.55
N VAL B 215 13.07 23.41 -19.37
CA VAL B 215 12.94 24.85 -19.23
C VAL B 215 13.86 25.32 -18.12
N VAL B 216 14.79 26.21 -18.46
CA VAL B 216 15.71 26.73 -17.47
C VAL B 216 15.25 28.15 -17.20
N PHE B 217 14.97 28.48 -15.94
CA PHE B 217 14.51 29.81 -15.63
C PHE B 217 14.84 30.20 -14.19
N ASN B 218 14.67 31.48 -13.89
CA ASN B 218 14.95 31.98 -12.55
C ASN B 218 13.68 31.94 -11.73
N MSE B 219 13.68 31.05 -10.75
CA MSE B 219 12.52 30.87 -9.89
C MSE B 219 12.38 31.88 -8.74
O MSE B 219 11.29 32.00 -8.17
CB MSE B 219 12.54 29.45 -9.34
CG MSE B 219 11.38 29.13 -8.44
SE MSE B 219 11.95 28.04 -6.94
CE MSE B 219 13.41 29.18 -6.27
N ASN B 220 13.46 32.60 -8.42
CA ASN B 220 13.43 33.58 -7.35
C ASN B 220 12.55 34.78 -7.67
N GLU B 221 12.02 34.82 -8.88
CA GLU B 221 11.15 35.91 -9.31
C GLU B 221 9.70 35.52 -8.99
N ALA B 222 8.99 36.42 -8.31
CA ALA B 222 7.62 36.16 -7.94
C ALA B 222 6.71 35.76 -9.11
N GLY B 223 5.97 34.66 -8.96
CA GLY B 223 5.07 34.21 -10.00
C GLY B 223 5.73 33.85 -11.32
N ASN B 224 7.05 33.73 -11.29
CA ASN B 224 7.81 33.39 -12.48
C ASN B 224 7.47 31.97 -12.96
N ILE B 225 7.63 31.00 -12.07
CA ILE B 225 7.33 29.61 -12.41
C ILE B 225 5.94 29.50 -13.05
N GLN B 226 4.99 30.25 -12.51
CA GLN B 226 3.63 30.23 -13.03
C GLN B 226 3.63 30.64 -14.49
N ARG B 227 4.38 31.70 -14.81
CA ARG B 227 4.48 32.19 -16.19
C ARG B 227 5.01 31.12 -17.13
N VAL B 228 6.04 30.42 -16.69
CA VAL B 228 6.63 29.34 -17.48
C VAL B 228 5.55 28.33 -17.83
N VAL B 229 4.76 27.96 -16.83
CA VAL B 229 3.68 26.98 -17.00
C VAL B 229 2.65 27.44 -18.02
N PHE B 230 2.43 28.75 -18.08
CA PHE B 230 1.45 29.29 -19.01
C PHE B 230 2.00 29.69 -20.36
N GLY B 231 3.26 29.41 -20.63
CA GLY B 231 3.82 29.76 -21.93
C GLY B 231 4.61 31.07 -21.99
N GLU B 232 4.41 31.97 -21.03
CA GLU B 232 5.15 33.24 -21.04
C GLU B 232 6.66 33.00 -21.18
N HIS B 233 7.21 33.27 -22.36
CA HIS B 233 8.63 33.10 -22.63
C HIS B 233 9.45 33.88 -21.60
N ILE B 234 9.95 33.18 -20.58
CA ILE B 234 10.72 33.88 -19.55
C ILE B 234 12.17 33.38 -19.49
N GLY B 235 12.37 32.08 -19.70
CA GLY B 235 13.72 31.56 -19.65
C GLY B 235 14.18 30.99 -20.97
N THR B 236 14.69 29.78 -20.94
CA THR B 236 15.16 29.10 -22.14
C THR B 236 14.45 27.75 -22.21
N THR B 237 13.75 27.51 -23.32
CA THR B 237 13.04 26.26 -23.49
C THR B 237 13.74 25.37 -24.49
N VAL B 238 14.05 24.15 -24.08
CA VAL B 238 14.70 23.18 -24.94
C VAL B 238 13.67 22.12 -25.30
N SER B 239 13.49 21.84 -26.58
CA SER B 239 12.54 20.80 -26.97
C SER B 239 12.79 20.36 -28.40
N ASN B 240 12.06 19.34 -28.84
CA ASN B 240 12.22 18.87 -30.19
C ASN B 240 11.27 19.70 -31.04
N LYS B 241 10.74 20.75 -30.42
CA LYS B 241 9.80 21.68 -31.07
C LYS B 241 8.59 20.90 -31.59
N GLU C 4 -23.94 14.96 20.53
CA GLU C 4 -22.77 15.90 20.58
C GLU C 4 -21.65 15.30 21.47
N PRO C 5 -20.85 14.37 20.91
CA PRO C 5 -19.78 13.74 21.69
C PRO C 5 -18.74 14.72 22.18
N LYS C 6 -18.32 14.52 23.42
CA LYS C 6 -17.31 15.37 24.05
C LYS C 6 -15.99 15.24 23.32
N TYR C 7 -15.76 14.07 22.72
CA TYR C 7 -14.53 13.77 22.01
C TYR C 7 -14.80 13.41 20.54
N GLN C 8 -13.93 13.85 19.65
CA GLN C 8 -14.09 13.58 18.22
C GLN C 8 -13.28 12.36 17.77
N ARG C 9 -12.23 12.05 18.52
CA ARG C 9 -11.40 10.94 18.18
C ARG C 9 -10.79 10.36 19.44
N ILE C 10 -11.15 9.12 19.73
CA ILE C 10 -10.65 8.47 20.92
C ILE C 10 -9.90 7.19 20.59
N LEU C 11 -9.10 6.72 21.54
CA LEU C 11 -8.37 5.49 21.36
C LEU C 11 -8.71 4.64 22.54
N ILE C 12 -9.44 3.56 22.30
CA ILE C 12 -9.87 2.66 23.35
C ILE C 12 -8.79 1.63 23.65
N LYS C 13 -8.39 1.54 24.90
CA LYS C 13 -7.39 0.58 25.31
C LYS C 13 -8.08 -0.59 26.04
N LEU C 14 -7.91 -1.79 25.51
CA LEU C 14 -8.50 -2.98 26.11
C LEU C 14 -7.39 -3.93 26.58
N SER C 15 -7.64 -4.65 27.67
CA SER C 15 -6.66 -5.62 28.16
C SER C 15 -6.97 -6.93 27.48
N GLY C 16 -5.96 -7.76 27.26
CA GLY C 16 -6.21 -9.05 26.63
C GLY C 16 -7.27 -9.86 27.38
N GLU C 17 -7.19 -9.82 28.71
CA GLU C 17 -8.12 -10.56 29.56
C GLU C 17 -9.56 -10.29 29.17
N ALA C 18 -9.86 -9.03 28.86
CA ALA C 18 -11.20 -8.62 28.48
C ALA C 18 -11.77 -9.42 27.30
N LEU C 19 -10.91 -10.17 26.62
CA LEU C 19 -11.35 -10.97 25.47
C LEU C 19 -11.31 -12.47 25.78
N ALA C 20 -10.76 -12.82 26.93
CA ALA C 20 -10.64 -14.22 27.33
C ALA C 20 -11.96 -14.79 27.84
N GLY C 21 -12.74 -13.96 28.50
CA GLY C 21 -14.01 -14.44 29.03
C GLY C 21 -13.86 -15.18 30.35
N GLU C 22 -14.77 -16.13 30.58
CA GLU C 22 -14.83 -16.94 31.81
C GLU C 22 -13.43 -17.35 32.29
N LYS C 23 -12.85 -18.29 31.57
CA LYS C 23 -11.52 -18.84 31.85
C LYS C 23 -10.55 -17.78 32.37
N GLY C 24 -10.15 -16.88 31.49
CA GLY C 24 -9.21 -15.83 31.86
C GLY C 24 -8.05 -15.89 30.89
N VAL C 25 -8.03 -16.97 30.11
CA VAL C 25 -6.99 -17.22 29.12
C VAL C 25 -7.63 -17.55 27.76
N GLY C 26 -6.85 -17.40 26.71
CA GLY C 26 -7.35 -17.68 25.38
C GLY C 26 -8.27 -16.59 24.87
N ILE C 27 -8.89 -16.83 23.73
CA ILE C 27 -9.79 -15.85 23.14
C ILE C 27 -11.17 -16.46 22.99
N ASP C 28 -12.17 -15.85 23.61
CA ASP C 28 -13.53 -16.36 23.50
C ASP C 28 -14.28 -15.46 22.51
N ILE C 29 -14.39 -15.91 21.25
CA ILE C 29 -15.03 -15.10 20.23
C ILE C 29 -16.35 -14.44 20.61
N PRO C 30 -17.29 -15.22 21.18
CA PRO C 30 -18.57 -14.65 21.57
C PRO C 30 -18.41 -13.45 22.51
N THR C 31 -17.34 -13.45 23.30
CA THR C 31 -17.06 -12.35 24.22
C THR C 31 -16.57 -11.14 23.42
N VAL C 32 -15.72 -11.42 22.44
CA VAL C 32 -15.17 -10.38 21.61
C VAL C 32 -16.28 -9.67 20.83
N GLN C 33 -17.21 -10.45 20.30
CA GLN C 33 -18.32 -9.89 19.54
C GLN C 33 -19.19 -9.00 20.42
N ALA C 34 -19.31 -9.38 21.70
CA ALA C 34 -20.08 -8.60 22.64
C ALA C 34 -19.48 -7.19 22.77
N ILE C 35 -18.15 -7.11 22.82
CA ILE C 35 -17.45 -5.83 22.93
C ILE C 35 -17.48 -5.08 21.61
N ALA C 36 -17.35 -5.83 20.52
CA ALA C 36 -17.35 -5.26 19.17
C ALA C 36 -18.71 -4.65 18.86
N LYS C 37 -19.78 -5.31 19.32
CA LYS C 37 -21.13 -4.82 19.10
C LYS C 37 -21.32 -3.49 19.80
N GLU C 38 -20.71 -3.32 20.96
CA GLU C 38 -20.84 -2.08 21.70
C GLU C 38 -20.06 -0.97 21.04
N ILE C 39 -18.85 -1.26 20.60
CA ILE C 39 -18.01 -0.26 19.92
C ILE C 39 -18.68 0.13 18.61
N ALA C 40 -19.24 -0.86 17.92
CA ALA C 40 -19.93 -0.60 16.67
C ALA C 40 -21.04 0.41 16.89
N GLU C 41 -21.76 0.25 18.00
CA GLU C 41 -22.85 1.17 18.30
C GLU C 41 -22.34 2.60 18.54
N VAL C 42 -21.24 2.75 19.26
CA VAL C 42 -20.66 4.07 19.53
C VAL C 42 -20.15 4.68 18.22
N HIS C 43 -19.59 3.81 17.37
CA HIS C 43 -19.07 4.25 16.09
C HIS C 43 -20.16 4.93 15.24
N VAL C 44 -21.43 4.62 15.52
CA VAL C 44 -22.55 5.19 14.79
C VAL C 44 -22.71 6.68 15.07
N SER C 45 -22.19 7.11 16.21
CA SER C 45 -22.27 8.52 16.62
C SER C 45 -21.42 9.41 15.73
N GLY C 46 -20.46 8.82 15.03
CA GLY C 46 -19.61 9.61 14.15
C GLY C 46 -18.25 9.85 14.74
N VAL C 47 -18.00 9.29 15.91
CA VAL C 47 -16.71 9.43 16.58
C VAL C 47 -15.65 8.51 15.97
N GLN C 48 -14.50 9.08 15.66
CA GLN C 48 -13.40 8.30 15.11
C GLN C 48 -12.83 7.43 16.22
N ILE C 49 -12.58 6.15 15.93
CA ILE C 49 -12.10 5.24 16.96
C ILE C 49 -10.87 4.42 16.57
N ALA C 50 -10.01 4.18 17.54
CA ALA C 50 -8.83 3.37 17.33
C ALA C 50 -8.70 2.49 18.57
N LEU C 51 -8.28 1.24 18.38
CA LEU C 51 -8.14 0.32 19.50
C LEU C 51 -6.71 -0.15 19.72
N VAL C 52 -6.41 -0.46 20.97
CA VAL C 52 -5.11 -0.98 21.35
C VAL C 52 -5.43 -2.07 22.35
N ILE C 53 -5.19 -3.33 21.99
CA ILE C 53 -5.49 -4.45 22.89
C ILE C 53 -4.22 -5.09 23.47
N GLY C 54 -4.32 -5.59 24.70
CA GLY C 54 -3.18 -6.24 25.32
C GLY C 54 -3.13 -7.72 25.01
N GLY C 55 -2.12 -8.44 25.48
CA GLY C 55 -2.05 -9.85 25.20
C GLY C 55 -1.96 -10.75 26.42
N GLY C 56 -2.47 -10.27 27.55
CA GLY C 56 -2.41 -11.04 28.77
C GLY C 56 -3.17 -12.35 28.68
N ASN C 57 -4.23 -12.34 27.90
CA ASN C 57 -5.06 -13.52 27.73
C ASN C 57 -4.35 -14.64 26.98
N LEU C 58 -3.26 -14.31 26.29
CA LEU C 58 -2.55 -15.33 25.54
C LEU C 58 -1.14 -15.52 26.02
N TRP C 59 -0.58 -14.52 26.70
CA TRP C 59 0.79 -14.61 27.17
C TRP C 59 1.10 -13.60 28.27
N ARG C 60 1.75 -14.06 29.32
CA ARG C 60 2.15 -13.18 30.41
C ARG C 60 3.65 -13.33 30.58
N GLY C 61 4.33 -12.21 30.71
CA GLY C 61 5.78 -12.21 30.84
C GLY C 61 6.28 -12.68 32.20
N GLU C 62 5.49 -12.45 33.24
CA GLU C 62 5.83 -12.84 34.58
C GLU C 62 6.37 -14.28 34.64
N PRO C 63 5.54 -15.28 34.28
CA PRO C 63 6.05 -16.66 34.32
C PRO C 63 7.22 -16.90 33.35
N ALA C 64 7.28 -16.12 32.28
CA ALA C 64 8.35 -16.27 31.30
C ALA C 64 9.69 -15.92 31.97
N ALA C 65 9.70 -14.82 32.70
CA ALA C 65 10.89 -14.37 33.40
C ALA C 65 11.24 -15.38 34.50
N ASP C 66 10.22 -15.89 35.18
CA ASP C 66 10.43 -16.88 36.23
C ASP C 66 11.04 -18.14 35.63
N ALA C 67 10.58 -18.49 34.43
CA ALA C 67 11.08 -19.67 33.72
C ALA C 67 12.48 -19.43 33.16
N GLY C 68 12.88 -18.16 33.12
CA GLY C 68 14.20 -17.83 32.65
C GLY C 68 14.29 -17.60 31.15
N MSE C 69 13.17 -17.27 30.54
CA MSE C 69 13.20 -17.03 29.10
C MSE C 69 13.72 -15.62 28.83
O MSE C 69 13.46 -14.69 29.58
CB MSE C 69 11.81 -17.19 28.51
CG MSE C 69 11.82 -17.05 27.01
SE MSE C 69 10.08 -17.16 26.26
CE MSE C 69 10.44 -16.27 24.55
N ASP C 70 14.47 -15.49 27.75
CA ASP C 70 15.03 -14.21 27.35
C ASP C 70 13.96 -13.12 27.31
N ARG C 71 14.20 -12.03 28.02
CA ARG C 71 13.26 -10.91 28.09
C ARG C 71 12.82 -10.36 26.75
N VAL C 72 13.78 -10.13 25.87
CA VAL C 72 13.47 -9.58 24.56
C VAL C 72 12.58 -10.54 23.79
N GLN C 73 13.00 -11.79 23.68
CA GLN C 73 12.20 -12.77 22.96
C GLN C 73 10.82 -12.91 23.58
N ALA C 74 10.77 -12.88 24.90
CA ALA C 74 9.51 -13.01 25.61
C ALA C 74 8.58 -11.84 25.26
N ASP C 75 9.11 -10.63 25.16
CA ASP C 75 8.27 -9.48 24.80
C ASP C 75 7.73 -9.59 23.38
N TYR C 76 8.54 -10.08 22.46
CA TYR C 76 8.09 -10.20 21.09
C TYR C 76 6.96 -11.22 21.03
N THR C 77 7.11 -12.31 21.79
CA THR C 77 6.10 -13.35 21.83
C THR C 77 4.77 -12.73 22.20
N GLY C 78 4.78 -11.85 23.19
CA GLY C 78 3.57 -11.21 23.62
C GLY C 78 2.99 -10.30 22.55
N MSE C 79 3.83 -9.57 21.86
CA MSE C 79 3.34 -8.68 20.82
C MSE C 79 2.58 -9.43 19.73
O MSE C 79 1.61 -8.91 19.18
CB MSE C 79 4.48 -7.90 20.18
CG MSE C 79 4.95 -6.76 21.04
SE MSE C 79 6.49 -5.89 20.33
CE MSE C 79 7.75 -6.28 21.74
N LEU C 80 3.04 -10.63 19.43
CA LEU C 80 2.37 -11.45 18.43
C LEU C 80 0.97 -11.75 18.94
N GLY C 81 0.86 -12.09 20.22
CA GLY C 81 -0.43 -12.38 20.79
C GLY C 81 -1.37 -11.21 20.65
N THR C 82 -0.79 -10.02 20.59
CA THR C 82 -1.54 -8.80 20.45
C THR C 82 -2.22 -8.73 19.08
N VAL C 83 -1.51 -9.20 18.07
CA VAL C 83 -2.03 -9.19 16.71
C VAL C 83 -3.15 -10.21 16.57
N MSE C 84 -3.08 -11.29 17.34
CA MSE C 84 -4.12 -12.28 17.28
C MSE C 84 -5.42 -11.71 17.82
O MSE C 84 -6.48 -11.94 17.25
CB MSE C 84 -3.75 -13.52 18.08
CG MSE C 84 -2.68 -14.33 17.42
SE MSE C 84 -2.04 -15.73 18.56
CE MSE C 84 -3.65 -16.83 18.65
N ASN C 85 -5.33 -10.96 18.92
CA ASN C 85 -6.53 -10.35 19.48
C ASN C 85 -7.08 -9.32 18.50
N ALA C 86 -6.17 -8.60 17.82
CA ALA C 86 -6.55 -7.58 16.87
C ALA C 86 -7.32 -8.19 15.70
N LEU C 87 -6.81 -9.29 15.15
CA LEU C 87 -7.48 -9.93 14.03
C LEU C 87 -8.90 -10.37 14.40
N VAL C 88 -9.04 -10.95 15.58
CA VAL C 88 -10.34 -11.40 16.03
C VAL C 88 -11.25 -10.22 16.32
N MSE C 89 -10.70 -9.15 16.86
CA MSE C 89 -11.51 -7.97 17.18
C MSE C 89 -11.93 -7.25 15.91
O MSE C 89 -13.02 -6.72 15.83
CB MSE C 89 -10.69 -7.00 18.07
CG MSE C 89 -11.38 -5.67 18.38
SE MSE C 89 -13.14 -5.83 19.27
CE MSE C 89 -12.56 -5.99 21.13
N ALA C 90 -11.06 -7.27 14.92
CA ALA C 90 -11.35 -6.63 13.66
C ALA C 90 -12.48 -7.37 12.95
N ASP C 91 -12.43 -8.70 12.98
CA ASP C 91 -13.44 -9.52 12.33
C ASP C 91 -14.79 -9.33 12.99
N SER C 92 -14.80 -9.32 14.31
CA SER C 92 -16.04 -9.16 15.05
C SER C 92 -16.67 -7.83 14.74
N LEU C 93 -15.83 -6.81 14.57
CA LEU C 93 -16.35 -5.49 14.26
C LEU C 93 -17.00 -5.47 12.88
N GLN C 94 -16.42 -6.20 11.93
CA GLN C 94 -16.96 -6.25 10.59
C GLN C 94 -18.33 -6.92 10.64
N HIS C 95 -18.51 -7.80 11.62
CA HIS C 95 -19.77 -8.51 11.80
C HIS C 95 -20.94 -7.55 11.98
N TYR C 96 -20.65 -6.32 12.45
CA TYR C 96 -21.68 -5.32 12.65
C TYR C 96 -21.54 -4.20 11.65
N GLY C 97 -21.07 -4.54 10.46
CA GLY C 97 -20.90 -3.58 9.38
C GLY C 97 -19.95 -2.42 9.61
N VAL C 98 -18.84 -2.67 10.29
CA VAL C 98 -17.86 -1.62 10.52
C VAL C 98 -16.65 -1.92 9.67
N ASP C 99 -16.22 -0.94 8.86
CA ASP C 99 -15.06 -1.12 8.00
C ASP C 99 -13.85 -0.90 8.89
N THR C 100 -13.12 -1.98 9.17
CA THR C 100 -11.95 -1.90 10.04
C THR C 100 -10.63 -2.17 9.33
N ARG C 101 -9.53 -1.73 9.94
CA ARG C 101 -8.20 -1.95 9.40
C ARG C 101 -7.24 -2.24 10.55
N VAL C 102 -6.47 -3.31 10.41
CA VAL C 102 -5.51 -3.63 11.45
C VAL C 102 -4.14 -3.15 11.00
N GLN C 103 -3.41 -2.45 11.88
CA GLN C 103 -2.06 -1.98 11.55
C GLN C 103 -1.12 -2.50 12.62
N THR C 104 -0.12 -3.26 12.20
CA THR C 104 0.82 -3.81 13.16
C THR C 104 2.14 -3.06 13.20
N ALA C 105 2.69 -2.88 14.40
CA ALA C 105 3.96 -2.19 14.57
C ALA C 105 5.05 -3.03 13.91
N ILE C 106 4.82 -4.33 13.85
CA ILE C 106 5.77 -5.24 13.22
C ILE C 106 5.09 -5.60 11.91
N PRO C 107 5.65 -5.12 10.78
CA PRO C 107 5.12 -5.37 9.43
C PRO C 107 5.04 -6.86 9.10
N MSE C 108 3.86 -7.25 8.64
CA MSE C 108 3.55 -8.62 8.27
C MSE C 108 2.78 -8.58 6.97
O MSE C 108 1.64 -9.06 6.88
CB MSE C 108 2.68 -9.27 9.32
CG MSE C 108 3.40 -9.73 10.53
SE MSE C 108 2.13 -10.11 11.93
CE MSE C 108 2.97 -8.97 13.27
N GLN C 109 3.41 -7.97 5.98
CA GLN C 109 2.87 -7.78 4.65
C GLN C 109 1.54 -8.49 4.36
N ASN C 110 1.56 -9.82 4.39
CA ASN C 110 0.37 -10.62 4.09
C ASN C 110 -0.78 -10.58 5.11
N VAL C 111 -0.47 -10.94 6.35
CA VAL C 111 -1.46 -10.99 7.42
C VAL C 111 -2.18 -9.69 7.75
N ALA C 112 -1.44 -8.59 7.80
CA ALA C 112 -2.06 -7.31 8.14
C ALA C 112 -1.24 -6.13 7.69
N GLU C 113 -1.93 -5.04 7.43
CA GLU C 113 -1.31 -3.80 6.98
C GLU C 113 -0.28 -3.26 7.99
N PRO C 114 0.91 -2.88 7.53
CA PRO C 114 1.93 -2.34 8.45
C PRO C 114 1.51 -0.96 8.93
N TYR C 115 2.02 -0.55 10.09
CA TYR C 115 1.68 0.75 10.66
C TYR C 115 2.37 1.95 10.03
N ILE C 116 1.57 2.87 9.52
CA ILE C 116 2.07 4.08 8.89
C ILE C 116 1.11 5.17 9.31
N ARG C 117 1.62 6.13 10.09
CA ARG C 117 0.78 7.22 10.59
C ARG C 117 -0.07 7.84 9.49
N GLY C 118 0.56 8.11 8.34
CA GLY C 118 -0.17 8.70 7.24
C GLY C 118 -1.44 7.94 6.90
N ARG C 119 -1.31 6.63 6.70
CA ARG C 119 -2.44 5.77 6.38
C ARG C 119 -3.44 5.75 7.54
N ALA C 120 -2.93 5.48 8.73
CA ALA C 120 -3.78 5.42 9.91
C ALA C 120 -4.65 6.67 9.97
N LEU C 121 -4.03 7.84 9.83
CA LEU C 121 -4.83 9.07 9.88
C LEU C 121 -5.93 9.08 8.85
N ARG C 122 -5.56 8.86 7.59
CA ARG C 122 -6.53 8.85 6.49
C ARG C 122 -7.65 7.83 6.67
N HIS C 123 -7.32 6.69 7.27
CA HIS C 123 -8.29 5.64 7.53
C HIS C 123 -9.39 6.16 8.44
N LEU C 124 -8.98 6.76 9.55
CA LEU C 124 -9.92 7.31 10.53
C LEU C 124 -10.77 8.41 9.88
N GLU C 125 -10.18 9.19 8.99
CA GLU C 125 -10.90 10.24 8.29
C GLU C 125 -11.98 9.64 7.40
N LYS C 126 -11.82 8.37 7.03
CA LYS C 126 -12.80 7.68 6.21
C LYS C 126 -13.81 6.94 7.08
N ASN C 127 -13.84 7.29 8.37
CA ASN C 127 -14.75 6.67 9.32
C ASN C 127 -14.55 5.17 9.51
N ARG C 128 -13.31 4.72 9.45
CA ARG C 128 -13.00 3.31 9.65
C ARG C 128 -12.37 3.17 11.02
N ILE C 129 -12.50 2.00 11.63
CA ILE C 129 -11.89 1.79 12.93
C ILE C 129 -10.53 1.15 12.68
N VAL C 130 -9.52 1.68 13.36
CA VAL C 130 -8.16 1.17 13.22
C VAL C 130 -7.78 0.39 14.45
N VAL C 131 -7.30 -0.83 14.27
CA VAL C 131 -6.87 -1.64 15.40
C VAL C 131 -5.35 -1.84 15.32
N PHE C 132 -4.63 -1.33 16.31
CA PHE C 132 -3.18 -1.45 16.34
C PHE C 132 -2.73 -2.75 17.00
N GLY C 133 -1.70 -3.39 16.44
CA GLY C 133 -1.19 -4.62 17.02
C GLY C 133 0.32 -4.60 17.20
N ALA C 134 0.85 -5.50 18.04
CA ALA C 134 2.30 -5.57 18.29
C ALA C 134 2.89 -4.37 19.05
N GLY C 135 2.05 -3.67 19.80
CA GLY C 135 2.52 -2.53 20.56
C GLY C 135 3.25 -1.51 19.70
N ILE C 136 4.55 -1.32 19.95
CA ILE C 136 5.31 -0.38 19.14
C ILE C 136 6.48 -1.06 18.43
N GLY C 137 6.45 -2.40 18.38
CA GLY C 137 7.49 -3.16 17.71
C GLY C 137 8.83 -3.22 18.42
N SER C 138 8.86 -2.67 19.62
CA SER C 138 10.08 -2.64 20.39
C SER C 138 9.84 -3.19 21.79
N PRO C 139 10.81 -3.91 22.35
CA PRO C 139 10.71 -4.50 23.69
C PRO C 139 10.91 -3.50 24.82
N TYR C 140 10.71 -3.96 26.04
CA TYR C 140 10.86 -3.15 27.25
C TYR C 140 9.81 -2.07 27.47
N PHE C 141 8.89 -1.89 26.53
CA PHE C 141 7.85 -0.89 26.73
C PHE C 141 6.56 -1.57 27.13
N SER C 142 5.64 -0.81 27.73
CA SER C 142 4.36 -1.37 28.17
C SER C 142 3.21 -1.04 27.24
N THR C 143 2.04 -1.62 27.52
CA THR C 143 0.83 -1.41 26.72
C THR C 143 0.33 0.02 26.89
N ASP C 144 0.67 0.63 28.02
CA ASP C 144 0.26 2.02 28.26
C ASP C 144 1.04 2.90 27.30
N THR C 145 2.33 2.61 27.18
CA THR C 145 3.18 3.37 26.30
C THR C 145 2.64 3.26 24.88
N THR C 146 2.15 2.08 24.53
CA THR C 146 1.59 1.87 23.22
C THR C 146 0.36 2.72 23.02
N ALA C 147 -0.54 2.71 23.98
CA ALA C 147 -1.76 3.50 23.86
C ALA C 147 -1.43 5.00 23.81
N ALA C 148 -0.51 5.45 24.64
CA ALA C 148 -0.14 6.86 24.67
C ALA C 148 0.52 7.29 23.39
N LEU C 149 1.54 6.54 22.97
CA LEU C 149 2.26 6.86 21.75
C LEU C 149 1.32 6.90 20.54
N ARG C 150 0.50 5.86 20.38
CA ARG C 150 -0.43 5.79 19.26
C ARG C 150 -1.46 6.90 19.30
N ALA C 151 -1.95 7.21 20.50
CA ALA C 151 -2.96 8.26 20.66
C ALA C 151 -2.36 9.60 20.23
N ALA C 152 -1.10 9.82 20.55
CA ALA C 152 -0.43 11.05 20.19
C ALA C 152 -0.20 11.17 18.68
N GLU C 153 0.09 10.04 18.04
CA GLU C 153 0.36 10.02 16.61
C GLU C 153 -0.88 10.23 15.79
N ILE C 154 -1.98 9.61 16.17
CA ILE C 154 -3.23 9.78 15.43
C ILE C 154 -3.98 10.99 15.94
N GLU C 155 -3.36 11.69 16.89
CA GLU C 155 -3.94 12.89 17.45
C GLU C 155 -5.35 12.66 17.99
N ALA C 156 -5.46 11.81 19.02
CA ALA C 156 -6.74 11.50 19.64
C ALA C 156 -6.99 12.48 20.76
N ASP C 157 -8.26 12.79 21.01
CA ASP C 157 -8.60 13.72 22.08
C ASP C 157 -8.50 13.07 23.46
N ALA C 158 -8.84 11.79 23.54
CA ALA C 158 -8.79 11.09 24.81
C ALA C 158 -8.48 9.61 24.66
N ILE C 159 -8.07 8.98 25.75
CA ILE C 159 -7.78 7.57 25.74
C ILE C 159 -8.74 6.94 26.72
N LEU C 160 -9.71 6.19 26.24
CA LEU C 160 -10.65 5.57 27.16
C LEU C 160 -10.05 4.25 27.60
N MSE C 161 -9.66 4.18 28.87
CA MSE C 161 -9.10 2.93 29.39
C MSE C 161 -10.24 2.10 29.92
O MSE C 161 -10.54 2.12 31.10
CB MSE C 161 -8.12 3.21 30.51
CG MSE C 161 -6.77 3.57 29.98
SE MSE C 161 -5.74 4.26 31.40
CE MSE C 161 -6.10 6.14 31.16
N ALA C 162 -10.87 1.37 29.00
CA ALA C 162 -12.00 0.52 29.31
C ALA C 162 -11.57 -0.64 30.19
N LYS C 163 -11.70 -0.45 31.49
CA LYS C 163 -11.33 -1.47 32.45
C LYS C 163 -12.42 -2.53 32.53
N ASN C 164 -12.03 -3.79 32.68
CA ASN C 164 -13.00 -4.88 32.75
C ASN C 164 -13.29 -5.16 34.22
N GLY C 165 -13.91 -4.19 34.89
CA GLY C 165 -14.22 -4.35 36.30
C GLY C 165 -14.15 -3.02 37.02
N VAL C 166 -12.95 -2.50 37.23
CA VAL C 166 -12.74 -1.21 37.92
C VAL C 166 -13.56 -0.09 37.27
N ASP C 167 -14.09 0.82 38.08
CA ASP C 167 -14.90 1.89 37.52
C ASP C 167 -14.34 3.30 37.70
N GLY C 168 -13.06 3.40 38.07
CA GLY C 168 -12.45 4.69 38.25
C GLY C 168 -11.21 4.64 39.12
N VAL C 169 -10.74 5.82 39.49
CA VAL C 169 -9.56 5.98 40.34
C VAL C 169 -10.07 6.58 41.66
N TYR C 170 -9.81 5.88 42.76
CA TYR C 170 -10.26 6.34 44.08
C TYR C 170 -9.09 6.80 44.93
N ASN C 171 -9.41 7.51 46.02
CA ASN C 171 -8.37 8.02 46.91
C ASN C 171 -7.92 6.94 47.87
N ALA C 172 -8.57 5.78 47.77
CA ALA C 172 -8.25 4.62 48.61
C ALA C 172 -8.96 3.42 47.98
N ASP C 173 -8.47 2.23 48.31
CA ASP C 173 -9.04 1.02 47.76
C ASP C 173 -10.51 0.83 48.19
N PRO C 174 -11.46 1.11 47.29
CA PRO C 174 -12.90 1.00 47.53
C PRO C 174 -13.38 -0.35 48.03
N LYS C 175 -12.55 -1.38 47.89
CA LYS C 175 -12.91 -2.72 48.35
C LYS C 175 -12.38 -2.95 49.76
N LYS C 176 -11.63 -1.99 50.28
CA LYS C 176 -11.09 -2.13 51.63
C LYS C 176 -11.46 -0.95 52.52
N ASP C 177 -11.35 0.27 51.99
CA ASP C 177 -11.67 1.48 52.76
C ASP C 177 -13.15 1.85 52.68
N ALA C 178 -13.79 1.94 53.84
CA ALA C 178 -15.20 2.29 53.91
C ALA C 178 -15.50 3.65 53.31
N ASN C 179 -14.59 4.60 53.50
CA ASN C 179 -14.75 5.96 53.01
C ASN C 179 -13.94 6.26 51.79
N ALA C 180 -13.81 5.27 50.93
CA ALA C 180 -13.06 5.46 49.70
C ALA C 180 -13.92 6.22 48.69
N VAL C 181 -13.45 7.38 48.27
CA VAL C 181 -14.15 8.23 47.29
C VAL C 181 -13.38 8.31 45.95
N LYS C 182 -14.10 8.19 44.84
CA LYS C 182 -13.47 8.23 43.53
C LYS C 182 -13.35 9.67 43.00
N PHE C 183 -12.27 9.98 42.31
CA PHE C 183 -12.08 11.32 41.78
C PHE C 183 -12.80 11.44 40.48
N ASP C 184 -13.54 12.52 40.30
CA ASP C 184 -14.25 12.68 39.05
C ASP C 184 -13.37 13.32 38.00
N GLU C 185 -12.62 14.34 38.39
CA GLU C 185 -11.74 15.05 37.48
C GLU C 185 -10.39 15.38 38.12
N LEU C 186 -9.31 14.96 37.47
CA LEU C 186 -7.96 15.22 37.96
C LEU C 186 -7.12 15.78 36.83
N THR C 187 -6.00 16.39 37.18
CA THR C 187 -5.13 16.93 36.16
C THR C 187 -3.88 16.07 36.13
N HIS C 188 -3.27 15.97 34.95
CA HIS C 188 -2.06 15.16 34.79
C HIS C 188 -1.06 15.40 35.93
N GLY C 189 -0.81 16.66 36.25
CA GLY C 189 0.13 16.97 37.31
C GLY C 189 -0.34 16.53 38.68
N GLU C 190 -1.59 16.85 38.99
CA GLU C 190 -2.17 16.49 40.26
C GLU C 190 -2.06 14.99 40.47
N VAL C 191 -2.20 14.23 39.39
CA VAL C 191 -2.12 12.78 39.49
C VAL C 191 -0.72 12.39 39.97
N ILE C 192 0.27 13.18 39.56
CA ILE C 192 1.66 12.93 39.95
C ILE C 192 1.87 13.36 41.40
N LYS C 193 1.28 14.50 41.77
CA LYS C 193 1.40 15.01 43.14
C LYS C 193 0.74 14.12 44.17
N ARG C 194 0.23 12.96 43.76
CA ARG C 194 -0.44 12.07 44.71
C ARG C 194 0.03 10.65 44.44
N GLY C 195 0.95 10.51 43.49
CA GLY C 195 1.47 9.21 43.12
C GLY C 195 0.39 8.18 42.83
N LEU C 196 -0.67 8.61 42.17
CA LEU C 196 -1.79 7.71 41.84
C LEU C 196 -1.38 6.61 40.86
N LYS C 197 -0.42 6.95 40.00
CA LYS C 197 0.10 6.01 38.99
C LYS C 197 -1.02 5.29 38.23
N ILE C 198 -1.79 6.04 37.47
CA ILE C 198 -2.87 5.46 36.69
C ILE C 198 -2.24 4.71 35.52
N MSE C 199 -1.26 5.33 34.88
CA MSE C 199 -0.53 4.73 33.77
C MSE C 199 0.95 4.71 34.06
O MSE C 199 1.42 5.31 35.01
CB MSE C 199 -0.74 5.51 32.48
CG MSE C 199 -2.02 5.23 31.74
SE MSE C 199 -2.00 6.00 29.92
CE MSE C 199 -2.74 4.47 28.97
N ASP C 200 1.68 4.02 33.20
CA ASP C 200 3.12 3.89 33.27
C ASP C 200 3.74 5.29 33.31
N ALA C 201 4.93 5.41 33.86
CA ALA C 201 5.62 6.72 33.95
C ALA C 201 5.81 7.38 32.56
N THR C 202 6.25 6.59 31.58
CA THR C 202 6.51 7.09 30.23
C THR C 202 5.21 7.52 29.55
N ALA C 203 4.19 6.67 29.63
CA ALA C 203 2.91 6.95 29.02
C ALA C 203 2.31 8.22 29.56
N SER C 204 2.45 8.41 30.87
CA SER C 204 1.93 9.58 31.54
C SER C 204 2.53 10.86 30.99
N THR C 205 3.84 10.87 30.77
CA THR C 205 4.51 12.05 30.23
C THR C 205 3.95 12.36 28.85
N LEU C 206 3.88 11.34 27.99
CA LEU C 206 3.36 11.49 26.64
C LEU C 206 1.94 12.08 26.62
N SER C 207 1.07 11.51 27.44
CA SER C 207 -0.32 11.97 27.52
C SER C 207 -0.40 13.42 27.93
N MSE C 208 0.32 13.77 28.99
CA MSE C 208 0.32 15.14 29.46
C MSE C 208 0.85 16.09 28.40
O MSE C 208 0.14 17.01 27.95
CB MSE C 208 1.15 15.23 30.74
CG MSE C 208 1.37 16.65 31.24
SE MSE C 208 1.96 16.79 33.11
CE MSE C 208 2.95 15.11 33.29
N ASP C 209 2.09 15.87 27.97
CA ASP C 209 2.74 16.72 26.98
C ASP C 209 1.89 16.95 25.73
N ASN C 210 1.21 15.91 25.26
CA ASN C 210 0.38 16.10 24.08
C ASN C 210 -1.06 16.40 24.37
N ASP C 211 -1.34 16.78 25.61
CA ASP C 211 -2.68 17.13 26.04
C ASP C 211 -3.74 16.09 25.66
N ILE C 212 -3.48 14.83 26.01
CA ILE C 212 -4.41 13.77 25.72
C ILE C 212 -5.12 13.35 27.01
N ASP C 213 -6.44 13.45 27.04
CA ASP C 213 -7.21 13.09 28.22
C ASP C 213 -7.13 11.61 28.52
N LEU C 214 -7.27 11.26 29.79
CA LEU C 214 -7.27 9.86 30.17
C LEU C 214 -8.58 9.63 30.89
N VAL C 215 -9.31 8.61 30.49
CA VAL C 215 -10.57 8.32 31.13
C VAL C 215 -10.56 6.87 31.62
N VAL C 216 -10.70 6.68 32.92
CA VAL C 216 -10.72 5.34 33.48
C VAL C 216 -12.18 5.05 33.82
N PHE C 217 -12.73 3.98 33.26
CA PHE C 217 -14.12 3.66 33.54
C PHE C 217 -14.41 2.17 33.40
N ASN C 218 -15.58 1.76 33.89
CA ASN C 218 -15.97 0.37 33.82
C ASN C 218 -16.76 0.13 32.54
N MSE C 219 -16.15 -0.63 31.65
CA MSE C 219 -16.75 -0.92 30.36
C MSE C 219 -17.79 -2.05 30.34
O MSE C 219 -18.58 -2.17 29.41
CB MSE C 219 -15.64 -1.21 29.36
CG MSE C 219 -16.16 -1.49 27.98
SE MSE C 219 -15.15 -2.90 27.14
CE MSE C 219 -15.27 -4.26 28.58
N ASN C 220 -17.79 -2.87 31.39
CA ASN C 220 -18.73 -3.99 31.49
C ASN C 220 -20.17 -3.54 31.64
N GLU C 221 -20.36 -2.23 31.78
CA GLU C 221 -21.70 -1.66 31.93
C GLU C 221 -22.24 -1.32 30.55
N ALA C 222 -23.45 -1.80 30.27
CA ALA C 222 -24.07 -1.55 28.97
C ALA C 222 -24.13 -0.07 28.58
N GLY C 223 -23.68 0.25 27.38
CA GLY C 223 -23.71 1.63 26.91
C GLY C 223 -22.87 2.62 27.71
N ASN C 224 -22.04 2.09 28.59
CA ASN C 224 -21.19 2.92 29.43
C ASN C 224 -20.18 3.69 28.59
N ILE C 225 -19.40 2.98 27.81
CA ILE C 225 -18.40 3.62 26.95
C ILE C 225 -19.03 4.77 26.15
N GLN C 226 -20.24 4.55 25.65
CA GLN C 226 -20.94 5.57 24.87
C GLN C 226 -21.12 6.83 25.71
N ARG C 227 -21.51 6.65 26.97
CA ARG C 227 -21.70 7.78 27.88
C ARG C 227 -20.43 8.59 28.05
N VAL C 228 -19.31 7.89 28.21
CA VAL C 228 -18.02 8.53 28.37
C VAL C 228 -17.77 9.42 27.16
N VAL C 229 -18.03 8.88 25.97
CA VAL C 229 -17.83 9.62 24.73
C VAL C 229 -18.68 10.87 24.66
N PHE C 230 -19.87 10.80 25.25
CA PHE C 230 -20.76 11.95 25.23
C PHE C 230 -20.62 12.90 26.42
N GLY C 231 -19.63 12.67 27.28
CA GLY C 231 -19.44 13.57 28.40
C GLY C 231 -20.08 13.14 29.72
N GLU C 232 -21.01 12.19 29.70
CA GLU C 232 -21.63 11.73 30.93
C GLU C 232 -20.57 11.30 31.95
N HIS C 233 -20.34 12.12 32.96
CA HIS C 233 -19.36 11.83 34.00
C HIS C 233 -19.63 10.46 34.62
N ILE C 234 -18.91 9.44 34.17
CA ILE C 234 -19.15 8.09 34.69
C ILE C 234 -17.95 7.52 35.43
N GLY C 235 -16.75 7.83 34.95
CA GLY C 235 -15.55 7.35 35.60
C GLY C 235 -14.68 8.47 36.16
N THR C 236 -13.39 8.41 35.86
CA THR C 236 -12.44 9.42 36.30
C THR C 236 -11.74 9.98 35.07
N THR C 237 -11.82 11.30 34.89
CA THR C 237 -11.18 11.93 33.74
C THR C 237 -9.94 12.69 34.16
N VAL C 238 -8.82 12.39 33.51
CA VAL C 238 -7.57 13.05 33.79
C VAL C 238 -7.24 13.93 32.59
N SER C 239 -6.98 15.21 32.83
CA SER C 239 -6.63 16.11 31.73
C SER C 239 -5.97 17.36 32.27
N ASN C 240 -5.50 18.23 31.39
CA ASN C 240 -4.86 19.45 31.85
C ASN C 240 -5.88 20.50 32.26
N LYS C 241 -6.75 20.11 33.19
CA LYS C 241 -7.81 20.98 33.72
C LYS C 241 -8.95 21.10 32.71
S SO4 D . -4.76 2.05 -5.27
O1 SO4 D . -3.67 2.92 -5.78
O2 SO4 D . -5.98 2.18 -6.11
O3 SO4 D . -4.31 0.63 -5.28
O4 SO4 D . -5.08 2.47 -3.88
S SO4 E . -6.99 -0.09 0.32
O1 SO4 E . -5.99 -0.63 1.28
O2 SO4 E . -6.34 0.89 -0.59
O3 SO4 E . -7.55 -1.18 -0.51
O4 SO4 E . -8.06 0.61 1.09
S SO4 F . -4.82 -25.81 -22.50
O1 SO4 F . -3.48 -25.52 -23.10
O2 SO4 F . -5.75 -26.30 -23.56
O3 SO4 F . -4.69 -26.86 -21.43
O4 SO4 F . -5.38 -24.57 -21.89
S SO4 G . -0.42 -24.36 -16.80
O1 SO4 G . 0.84 -23.76 -16.25
O2 SO4 G . -0.47 -24.09 -18.26
O3 SO4 G . -0.42 -25.82 -16.54
O4 SO4 G . -1.60 -23.73 -16.13
S SO4 H . -3.78 6.57 -0.41
O1 SO4 H . -2.61 6.51 0.50
O2 SO4 H . -4.91 7.28 0.25
O3 SO4 H . -3.41 7.28 -1.67
O4 SO4 H . -4.21 5.19 -0.75
S SO4 I . 20.96 26.51 -8.32
O1 SO4 I . 21.32 27.71 -9.14
O2 SO4 I . 19.60 26.06 -8.66
O3 SO4 I . 21.92 25.41 -8.63
O4 SO4 I . 21.06 26.85 -6.86
S SO4 J . 21.90 18.95 -6.44
O1 SO4 J . 23.36 19.06 -6.13
O2 SO4 J . 21.14 19.89 -5.57
O3 SO4 J . 21.66 19.31 -7.88
O4 SO4 J . 21.46 17.55 -6.21
S SO4 K . -8.72 -4.84 33.24
O1 SO4 K . -9.09 -4.16 31.96
O2 SO4 K . -9.95 -5.04 34.08
O3 SO4 K . -8.13 -6.17 32.94
O4 SO4 K . -7.75 -3.98 33.97
S SO4 L . -2.17 -5.40 29.26
O1 SO4 L . -1.67 -6.03 28.01
O2 SO4 L . -1.06 -4.66 29.92
O3 SO4 L . -3.28 -4.45 28.96
O4 SO4 L . -2.66 -6.46 30.18
#